data_5HDH
#
_entry.id   5HDH
#
_cell.length_a   171.520
_cell.length_b   171.520
_cell.length_c   301.333
_cell.angle_alpha   90.00
_cell.angle_beta   90.00
_cell.angle_gamma   120.00
#
_symmetry.space_group_name_H-M   'H 3 2'
#
loop_
_entity.id
_entity.type
_entity.pdbx_description
1 polymer 'Toll-like receptor 8'
2 branched alpha-D-mannopyranose-(1-6)-beta-D-mannopyranose-(1-4)-2-acetamido-2-deoxy-beta-D-glucopyranose-(1-4)-2-acetamido-2-deoxy-beta-D-glucopyranose
3 branched 2-acetamido-2-deoxy-beta-D-glucopyranose-(1-4)-2-acetamido-2-deoxy-beta-D-glucopyranose
4 branched alpha-D-mannopyranose-(1-3)-[alpha-D-mannopyranose-(1-6)]beta-D-mannopyranose-(1-4)-2-acetamido-2-deoxy-beta-D-glucopyranose-(1-4)-2-acetamido-2-deoxy-beta-D-glucopyranose
5 non-polymer 2-acetamido-2-deoxy-beta-D-glucopyranose
6 non-polymer 'SULFATE ION'
7 non-polymer '2-(N-MORPHOLINO)-ETHANESULFONIC ACID'
8 water water
#
_entity_poly.entity_id   1
_entity_poly.type   'polypeptide(L)'
_entity_poly.pdbx_seq_one_letter_code
;EENFSRSYPCDEKKQNDSVIAECSNRRLQEVPQTVGKYVTELDLSDNFITHITNESFQGLQNLTKINLNHNPNVQHQNGN
PGIQSNGLNITDGAFLNLKNLRELLLEDNQLPQIPSGLPESLTELSLIQNNIYNITKEGISRLINLKNLYLAWNCYFNKV
CEKTNIEDGVFETLTNLELLSLSFNSLSHVPPKLPSSLRKLFLSNTQIKYISEEDFKGLINLTLLDLSGNCPRCFNAPFP
CVPCDGGASINIDRFAFQNLTQLRYLNLSSTSLRKINAAWFKNMPHLKVLDLEFNYLVGEIASGAFLTMLPRLEILDLSF
NYIKGSYPQHINISRNFSKLLSLRALHLRGYVFQELREDDFQPLMQLPNLSTINLGINFIKQIDFKLFQNFSNLEIIYLS
ENRISPLVKDTRQSYANSSSFQRHINQSNSTDFEFDPHSNFYHFTRPLIKPQCAAYGKALDLSLNSIFFIGPNQFENLPD
IACLNLSANSNAQVLSGTEFSAIPHVKYLDLTNNRLDFDNASALTELSDLEVLDLSYNSHYFRIAGVTHHLEFIQNFTNL
KVLNLSHNNIYTLTDKYNLESKSLVELVFSGNRLDILWNDDDNRYISIFKGLKNLTRLDLSLNRLKHIPNEAFLNLPASL
TELHINDNMLKFFNWTLLQQFPRLELLDLRGNKLLFLTDSLSDFTSSLRTLLLSHNRISHLPSGFLSEVSSLKHLDLSSN
LLKTINKSALETKTTTKLSMLELHGNPFECTCDIGDFRRWMDEHLNVKIPRLVDVICASPGDQRGKSIVSLELTTCVSDV
T
;
_entity_poly.pdbx_strand_id   A
#
# COMPACT_ATOMS: atom_id res chain seq x y z
N SER A 7 28.05 -8.86 11.31
CA SER A 7 27.88 -7.60 10.51
C SER A 7 27.05 -6.60 11.34
N TYR A 8 27.72 -5.53 11.80
CA TYR A 8 27.10 -4.49 12.64
C TYR A 8 27.74 -3.10 12.36
N PRO A 9 26.98 -2.00 12.47
CA PRO A 9 25.55 -2.06 12.83
C PRO A 9 24.70 -2.23 11.56
N CYS A 10 25.37 -2.17 10.41
CA CYS A 10 24.73 -2.30 9.12
C CYS A 10 24.55 -3.76 8.73
N ASP A 11 23.39 -4.09 8.18
CA ASP A 11 23.09 -5.46 7.75
C ASP A 11 23.51 -5.61 6.30
N GLU A 12 24.67 -6.22 6.07
CA GLU A 12 25.16 -6.40 4.72
C GLU A 12 24.39 -7.52 4.05
N LYS A 13 23.56 -7.18 3.07
CA LYS A 13 22.78 -8.18 2.35
C LYS A 13 23.52 -8.45 1.05
N LYS A 14 23.34 -9.63 0.49
CA LYS A 14 24.03 -10.03 -0.74
C LYS A 14 23.12 -10.27 -1.93
N GLN A 15 23.67 -10.05 -3.12
CA GLN A 15 22.91 -10.23 -4.35
C GLN A 15 22.18 -8.94 -4.74
N ASN A 16 21.82 -8.80 -6.01
CA ASN A 16 22.15 -9.77 -7.05
C ASN A 16 23.37 -9.33 -7.84
N ASP A 17 24.45 -10.08 -7.71
CA ASP A 17 25.62 -9.80 -8.50
C ASP A 17 26.28 -8.52 -8.02
N SER A 18 25.82 -8.03 -6.88
CA SER A 18 26.44 -6.92 -6.19
C SER A 18 26.07 -7.05 -4.73
N VAL A 19 26.87 -6.47 -3.85
CA VAL A 19 26.54 -6.46 -2.42
C VAL A 19 26.34 -5.05 -1.84
N ILE A 20 25.23 -4.91 -1.15
CA ILE A 20 24.81 -3.65 -0.55
C ILE A 20 24.84 -3.77 0.98
N ALA A 21 25.07 -2.62 1.62
CA ALA A 21 25.11 -2.54 3.07
C ALA A 21 23.90 -1.75 3.56
N GLU A 22 22.81 -2.47 3.89
CA GLU A 22 21.57 -1.86 4.37
C GLU A 22 21.89 -1.24 5.70
N CYS A 23 21.99 0.08 5.78
CA CYS A 23 22.35 0.71 7.04
C CYS A 23 21.64 2.02 7.32
N SER A 24 20.32 1.96 7.30
CA SER A 24 19.52 3.15 7.54
C SER A 24 18.66 3.02 8.77
N ASN A 25 18.27 4.17 9.29
CA ASN A 25 17.43 4.22 10.46
C ASN A 25 18.08 3.52 11.65
N ARG A 26 19.39 3.72 11.81
CA ARG A 26 20.12 3.14 12.95
C ARG A 26 20.59 4.19 13.96
N ARG A 27 20.03 5.39 13.90
CA ARG A 27 20.39 6.45 14.85
C ARG A 27 21.83 6.93 14.74
N LEU A 28 22.48 6.67 13.62
CA LEU A 28 23.87 7.06 13.47
C LEU A 28 24.04 8.57 13.40
N GLN A 29 25.16 9.04 13.96
CA GLN A 29 25.48 10.46 13.96
C GLN A 29 26.57 10.57 12.88
N GLU A 30 27.16 9.44 12.49
CA GLU A 30 28.23 9.41 11.49
C GLU A 30 28.16 8.23 10.52
N VAL A 31 29.06 8.21 9.55
CA VAL A 31 29.13 7.13 8.60
C VAL A 31 30.14 6.14 9.11
N PRO A 32 29.65 4.87 9.43
CA PRO A 32 30.68 3.99 9.98
C PRO A 32 31.78 3.73 9.00
N GLN A 33 33.01 3.85 9.45
CA GLN A 33 34.18 3.47 8.67
C GLN A 33 34.23 1.98 8.45
N THR A 34 33.76 1.24 9.43
CA THR A 34 33.91 -0.19 9.41
C THR A 34 32.85 -0.78 8.51
N VAL A 35 33.01 -0.46 7.22
CA VAL A 35 32.06 -0.90 6.22
C VAL A 35 32.74 -1.81 5.22
N GLY A 36 32.26 -3.04 5.15
CA GLY A 36 32.86 -4.08 4.29
C GLY A 36 33.30 -3.48 2.97
N LYS A 37 34.55 -3.70 2.57
CA LYS A 37 35.00 -3.11 1.31
C LYS A 37 34.21 -3.72 0.16
N TYR A 38 34.53 -3.26 -1.04
CA TYR A 38 33.87 -3.69 -2.27
C TYR A 38 32.35 -3.80 -2.10
N VAL A 39 31.72 -2.64 -1.91
CA VAL A 39 30.28 -2.52 -1.78
C VAL A 39 29.80 -1.76 -3.01
N THR A 40 28.68 -2.18 -3.56
CA THR A 40 28.14 -1.54 -4.74
C THR A 40 27.57 -0.21 -4.30
N GLU A 41 26.74 -0.25 -3.25
CA GLU A 41 26.11 0.95 -2.74
C GLU A 41 25.77 0.86 -1.26
N LEU A 42 25.55 2.03 -0.67
CA LEU A 42 25.25 2.16 0.74
C LEU A 42 23.95 2.91 1.01
N ASP A 43 23.22 2.44 2.02
CA ASP A 43 21.98 3.05 2.41
C ASP A 43 22.09 3.70 3.80
N LEU A 44 22.10 5.03 3.87
CA LEU A 44 22.22 5.74 5.16
C LEU A 44 21.06 6.71 5.44
N SER A 45 19.89 6.39 4.92
CA SER A 45 18.73 7.24 5.12
C SER A 45 18.21 7.12 6.54
N ASP A 46 17.46 8.13 6.98
CA ASP A 46 16.85 8.16 8.31
C ASP A 46 17.83 8.01 9.46
N ASN A 47 18.73 9.00 9.58
CA ASN A 47 19.74 9.04 10.64
C ASN A 47 19.88 10.45 11.21
N PHE A 48 20.90 10.63 12.06
CA PHE A 48 21.16 11.94 12.66
C PHE A 48 22.42 12.59 12.09
N ILE A 49 23.03 11.94 11.10
CA ILE A 49 24.22 12.49 10.48
C ILE A 49 24.01 13.97 10.17
N THR A 50 25.05 14.77 10.38
CA THR A 50 24.95 16.20 10.13
C THR A 50 26.14 16.75 9.34
N HIS A 51 27.16 15.93 9.17
CA HIS A 51 28.34 16.37 8.44
C HIS A 51 28.78 15.41 7.37
N ILE A 52 28.95 15.94 6.18
CA ILE A 52 29.43 15.14 5.07
C ILE A 52 30.72 15.80 4.71
N THR A 53 31.78 15.00 4.67
CA THR A 53 33.10 15.50 4.42
C THR A 53 34.08 14.54 3.75
N ASN A 54 35.20 15.08 3.24
CA ASN A 54 36.26 14.26 2.61
C ASN A 54 36.54 13.04 3.45
N GLU A 55 36.59 13.26 4.76
CA GLU A 55 36.80 12.18 5.70
C GLU A 55 35.71 11.13 5.47
N SER A 56 34.47 11.63 5.40
CA SER A 56 33.26 10.81 5.24
C SER A 56 33.39 9.52 4.43
N PHE A 57 33.83 9.62 3.18
CA PHE A 57 33.99 8.42 2.35
C PHE A 57 35.43 8.30 1.88
N GLN A 58 36.16 7.39 2.52
CA GLN A 58 37.56 7.15 2.19
C GLN A 58 37.85 5.96 1.31
N GLY A 59 38.33 6.24 0.12
CA GLY A 59 38.71 5.21 -0.83
C GLY A 59 37.74 4.05 -0.88
N LEU A 60 36.45 4.35 -0.86
CA LEU A 60 35.45 3.34 -1.09
C LEU A 60 35.51 2.88 -2.54
N GLN A 61 35.65 3.86 -3.43
CA GLN A 61 36.00 3.61 -4.81
C GLN A 61 34.89 2.85 -5.48
N ASN A 62 34.60 1.68 -4.92
CA ASN A 62 33.65 0.75 -5.48
C ASN A 62 32.22 1.27 -5.56
N LEU A 63 31.83 2.05 -4.56
CA LEU A 63 30.45 2.54 -4.44
C LEU A 63 29.88 3.27 -5.64
N THR A 64 28.73 2.76 -6.06
CA THR A 64 27.98 3.29 -7.19
C THR A 64 26.77 4.10 -6.73
N LYS A 65 26.14 3.69 -5.64
CA LYS A 65 24.95 4.38 -5.11
C LYS A 65 25.07 4.75 -3.62
N ILE A 66 24.54 5.92 -3.28
CA ILE A 66 24.54 6.42 -1.90
C ILE A 66 23.23 7.12 -1.56
N ASN A 67 22.61 6.70 -0.46
CA ASN A 67 21.36 7.28 -0.01
C ASN A 67 21.55 7.95 1.37
N LEU A 68 21.38 9.27 1.41
CA LEU A 68 21.53 10.06 2.64
C LEU A 68 20.26 10.87 2.92
N ASN A 69 19.12 10.34 2.52
CA ASN A 69 17.88 11.07 2.72
C ASN A 69 17.44 11.07 4.16
N HIS A 70 16.71 12.11 4.51
CA HIS A 70 16.19 12.28 5.84
C HIS A 70 17.32 12.35 6.87
N ASN A 71 18.22 13.32 6.70
CA ASN A 71 19.35 13.54 7.63
C ASN A 71 19.47 15.02 7.94
N PRO A 72 19.28 15.38 9.21
CA PRO A 72 18.94 14.45 10.28
C PRO A 72 17.47 14.54 10.65
N ASN A 73 16.96 13.53 11.37
CA ASN A 73 15.54 13.52 11.78
C ASN A 73 15.24 14.44 12.97
N VAL A 74 15.02 15.73 12.69
CA VAL A 74 14.70 16.71 13.73
C VAL A 74 13.24 16.62 14.14
N GLY A 87 19.42 20.95 9.22
CA GLY A 87 20.17 20.93 7.96
C GLY A 87 21.26 19.88 7.92
N LEU A 88 21.91 19.75 6.77
CA LEU A 88 23.01 18.80 6.56
C LEU A 88 24.16 19.56 5.96
N ASN A 89 25.36 19.34 6.51
CA ASN A 89 26.55 20.03 6.05
C ASN A 89 27.37 19.13 5.15
N ILE A 90 27.67 19.62 3.93
CA ILE A 90 28.44 18.87 2.96
C ILE A 90 29.68 19.61 2.44
N THR A 91 30.82 18.93 2.48
CA THR A 91 32.09 19.48 2.01
C THR A 91 32.31 19.34 0.50
N ASP A 92 32.61 20.48 -0.11
CA ASP A 92 32.85 20.58 -1.55
C ASP A 92 33.83 19.52 -2.01
N GLY A 93 33.45 18.78 -3.05
CA GLY A 93 34.30 17.72 -3.57
C GLY A 93 34.29 16.49 -2.66
N ALA A 94 33.36 16.44 -1.72
CA ALA A 94 33.25 15.32 -0.77
C ALA A 94 33.14 13.93 -1.37
N PHE A 95 32.47 13.82 -2.51
CA PHE A 95 32.26 12.52 -3.13
C PHE A 95 33.24 12.14 -4.25
N LEU A 96 34.00 13.13 -4.73
CA LEU A 96 34.95 12.90 -5.84
C LEU A 96 35.87 11.69 -5.68
N ASN A 97 36.19 11.35 -4.43
CA ASN A 97 37.05 10.20 -4.18
C ASN A 97 36.41 8.93 -4.78
N LEU A 98 35.10 8.99 -4.99
CA LEU A 98 34.38 7.86 -5.55
C LEU A 98 34.04 8.29 -6.98
N LYS A 99 34.65 7.64 -7.95
CA LYS A 99 34.38 7.95 -9.34
C LYS A 99 33.59 6.82 -10.02
N ASN A 100 33.00 5.95 -9.20
CA ASN A 100 32.15 4.88 -9.71
C ASN A 100 30.80 5.11 -9.11
N LEU A 101 30.60 6.36 -8.68
CA LEU A 101 29.36 6.79 -8.05
C LEU A 101 28.43 7.23 -9.15
N ARG A 102 27.32 6.52 -9.29
CA ARG A 102 26.34 6.83 -10.31
C ARG A 102 25.03 7.38 -9.73
N GLU A 103 24.62 6.88 -8.57
CA GLU A 103 23.37 7.34 -7.97
C GLU A 103 23.59 8.00 -6.60
N LEU A 104 23.18 9.27 -6.48
CA LEU A 104 23.30 9.98 -5.22
C LEU A 104 21.98 10.56 -4.78
N LEU A 105 21.50 10.13 -3.61
CA LEU A 105 20.23 10.61 -3.08
C LEU A 105 20.38 11.53 -1.84
N LEU A 106 20.00 12.78 -2.00
CA LEU A 106 20.06 13.79 -0.95
C LEU A 106 18.72 14.46 -0.78
N GLU A 107 17.76 13.71 -0.27
CA GLU A 107 16.42 14.24 -0.10
C GLU A 107 16.13 14.48 1.34
N ASP A 108 15.35 15.51 1.61
CA ASP A 108 14.98 15.85 2.96
C ASP A 108 16.20 16.08 3.82
N ASN A 109 17.19 16.73 3.23
CA ASN A 109 18.38 17.09 3.96
C ASN A 109 18.49 18.59 4.13
N GLN A 110 17.43 19.29 3.78
CA GLN A 110 17.33 20.69 4.12
C GLN A 110 18.38 21.56 3.48
N LEU A 111 18.91 21.15 2.35
CA LEU A 111 19.95 21.92 1.71
C LEU A 111 19.53 23.25 1.17
N PRO A 112 20.53 24.22 1.23
CA PRO A 112 20.15 25.47 0.60
C PRO A 112 20.91 25.65 -0.68
N GLN A 113 21.81 24.73 -1.01
CA GLN A 113 22.45 24.83 -2.34
C GLN A 113 22.80 23.45 -2.92
N ILE A 114 23.10 23.44 -4.21
CA ILE A 114 23.48 22.22 -4.88
C ILE A 114 24.94 21.96 -4.50
N PRO A 115 25.18 20.98 -3.64
CA PRO A 115 26.56 20.72 -3.26
C PRO A 115 27.54 20.91 -4.41
N SER A 116 28.45 21.86 -4.27
CA SER A 116 29.40 22.14 -5.32
C SER A 116 30.42 21.04 -5.35
N GLY A 117 31.16 20.93 -6.44
CA GLY A 117 32.12 19.87 -6.56
C GLY A 117 31.51 18.50 -6.46
N LEU A 118 30.70 18.20 -7.45
CA LEU A 118 30.10 16.89 -7.54
C LEU A 118 30.72 16.08 -8.63
N PRO A 119 30.73 14.70 -8.41
CA PRO A 119 31.47 13.94 -9.43
C PRO A 119 30.84 13.97 -10.79
N GLU A 120 31.57 13.65 -11.85
CA GLU A 120 31.01 13.68 -13.19
C GLU A 120 30.51 12.27 -13.58
N SER A 121 30.77 11.30 -12.71
CA SER A 121 30.34 9.94 -12.96
C SER A 121 28.86 9.72 -12.65
N LEU A 122 28.19 10.76 -12.15
CA LEU A 122 26.78 10.65 -11.81
C LEU A 122 25.79 10.55 -12.97
N THR A 123 24.96 9.52 -12.90
CA THR A 123 23.91 9.30 -13.88
C THR A 123 22.58 9.71 -13.25
N GLU A 124 22.44 9.50 -11.94
CA GLU A 124 21.22 9.86 -11.23
C GLU A 124 21.47 10.70 -9.96
N LEU A 125 20.81 11.86 -9.88
CA LEU A 125 20.96 12.74 -8.74
C LEU A 125 19.61 13.26 -8.22
N SER A 126 19.30 12.97 -6.95
CA SER A 126 18.04 13.46 -6.36
C SER A 126 18.22 14.48 -5.22
N LEU A 127 17.66 15.68 -5.42
CA LEU A 127 17.74 16.73 -4.41
C LEU A 127 16.35 17.15 -4.07
N ILE A 128 15.47 16.20 -3.88
CA ILE A 128 14.10 16.52 -3.50
C ILE A 128 13.91 16.96 -2.05
N GLN A 129 12.89 17.76 -1.81
CA GLN A 129 12.59 18.15 -0.46
C GLN A 129 13.73 18.87 0.25
N ASN A 130 14.23 19.90 -0.41
CA ASN A 130 15.33 20.68 0.09
C ASN A 130 15.04 22.15 -0.04
N ASN A 131 16.01 22.99 0.25
CA ASN A 131 15.80 24.44 0.25
C ASN A 131 16.41 25.24 -0.90
N ILE A 132 16.74 24.55 -1.98
CA ILE A 132 17.55 25.01 -3.09
C ILE A 132 16.69 25.90 -3.93
N TYR A 133 17.07 27.16 -4.04
CA TYR A 133 16.27 28.12 -4.79
C TYR A 133 17.00 28.66 -5.98
N ASN A 134 18.21 28.17 -6.18
CA ASN A 134 18.99 28.62 -7.29
C ASN A 134 19.61 27.38 -7.96
N ILE A 135 19.19 27.13 -9.20
CA ILE A 135 19.70 25.99 -9.99
C ILE A 135 20.78 26.63 -10.84
N THR A 136 22.01 26.19 -10.61
CA THR A 136 23.15 26.79 -11.24
C THR A 136 24.14 25.94 -12.01
N LYS A 137 24.78 26.63 -12.94
CA LYS A 137 25.78 26.05 -13.81
C LYS A 137 26.98 25.58 -13.00
N GLU A 138 27.29 26.27 -11.91
CA GLU A 138 28.43 25.85 -11.09
C GLU A 138 28.18 24.48 -10.51
N GLY A 139 27.01 24.31 -9.91
CA GLY A 139 26.67 23.05 -9.29
C GLY A 139 26.14 21.95 -10.19
N ILE A 140 25.52 22.30 -11.30
CA ILE A 140 24.90 21.31 -12.20
C ILE A 140 25.61 20.95 -13.53
N SER A 141 26.03 21.96 -14.27
CA SER A 141 26.40 21.79 -15.66
C SER A 141 27.57 20.88 -15.90
N ARG A 142 28.42 20.70 -14.91
CA ARG A 142 29.53 19.80 -15.05
C ARG A 142 29.02 18.39 -15.25
N LEU A 143 27.84 18.13 -14.71
CA LEU A 143 27.41 16.76 -14.41
C LEU A 143 27.34 15.80 -15.58
N ILE A 144 26.87 16.26 -16.73
CA ILE A 144 27.23 15.63 -17.99
C ILE A 144 26.64 14.26 -18.22
N ASN A 145 26.88 13.34 -17.31
CA ASN A 145 26.41 11.98 -17.49
C ASN A 145 25.05 11.73 -16.91
N LEU A 146 24.41 12.79 -16.45
CA LEU A 146 23.13 12.63 -15.83
C LEU A 146 22.01 12.20 -16.73
N LYS A 147 21.44 11.04 -16.38
CA LYS A 147 20.28 10.51 -17.08
C LYS A 147 19.07 11.08 -16.33
N ASN A 148 19.07 10.94 -15.01
CA ASN A 148 17.96 11.40 -14.15
C ASN A 148 18.29 12.45 -13.06
N LEU A 149 17.62 13.57 -13.14
CA LEU A 149 17.81 14.64 -12.21
C LEU A 149 16.48 15.01 -11.55
N TYR A 150 16.42 14.88 -10.23
CA TYR A 150 15.21 15.21 -9.47
C TYR A 150 15.36 16.46 -8.56
N LEU A 151 14.58 17.49 -8.85
CA LEU A 151 14.65 18.72 -8.06
C LEU A 151 13.31 19.17 -7.52
N ALA A 152 12.43 18.22 -7.25
CA ALA A 152 11.12 18.58 -6.77
C ALA A 152 11.08 19.02 -5.29
N TRP A 153 10.08 19.81 -4.95
CA TRP A 153 9.91 20.24 -3.59
C TRP A 153 11.03 21.04 -2.99
N ASN A 154 11.48 22.08 -3.68
CA ASN A 154 12.41 22.99 -3.07
C ASN A 154 11.88 24.37 -2.71
N CYS A 155 11.32 25.08 -3.67
CA CYS A 155 10.75 26.37 -3.45
C CYS A 155 9.26 26.25 -3.49
N TYR A 156 8.70 25.27 -2.78
CA TYR A 156 7.27 25.18 -2.81
C TYR A 156 6.75 26.13 -1.78
N PHE A 157 6.36 27.30 -2.24
CA PHE A 157 5.86 28.35 -1.38
C PHE A 157 5.05 27.74 -0.21
N ASN A 158 5.44 28.10 1.01
CA ASN A 158 6.55 29.02 1.23
C ASN A 158 7.65 28.29 1.97
N LYS A 159 8.80 28.95 2.10
CA LYS A 159 9.92 28.41 2.88
C LYS A 159 10.59 29.41 3.87
N VAL A 160 10.53 30.73 3.66
CA VAL A 160 9.84 31.40 2.54
C VAL A 160 10.73 31.35 1.30
N CYS A 161 10.07 31.40 0.14
CA CYS A 161 10.76 31.37 -1.13
C CYS A 161 9.88 31.98 -2.21
N GLU A 162 10.38 33.06 -2.82
CA GLU A 162 9.64 33.74 -3.88
C GLU A 162 9.44 32.84 -5.10
N LYS A 163 10.51 32.52 -5.82
CA LYS A 163 10.47 31.64 -7.00
C LYS A 163 11.78 30.89 -7.06
N THR A 164 11.82 29.81 -7.85
CA THR A 164 13.05 29.08 -8.01
C THR A 164 13.74 29.79 -9.15
N ASN A 165 15.06 29.91 -9.04
CA ASN A 165 15.82 30.55 -10.07
C ASN A 165 16.68 29.52 -10.73
N ILE A 166 16.63 29.51 -12.05
CA ILE A 166 17.39 28.60 -12.89
C ILE A 166 18.16 29.50 -13.81
N GLU A 167 19.48 29.58 -13.68
CA GLU A 167 20.19 30.45 -14.59
C GLU A 167 20.24 29.85 -15.98
N ASP A 168 20.12 30.72 -16.96
CA ASP A 168 19.81 30.32 -18.30
C ASP A 168 20.88 29.37 -18.77
N GLY A 169 20.46 28.26 -19.37
CA GLY A 169 21.35 27.24 -19.89
C GLY A 169 21.86 26.21 -18.92
N VAL A 170 21.41 26.27 -17.69
CA VAL A 170 21.90 25.31 -16.70
C VAL A 170 21.85 23.88 -17.23
N PHE A 171 20.79 23.55 -17.97
CA PHE A 171 20.59 22.19 -18.46
C PHE A 171 21.09 21.83 -19.85
N GLU A 172 21.06 22.77 -20.79
CA GLU A 172 21.49 22.49 -22.18
C GLU A 172 22.79 21.69 -22.28
N THR A 173 23.67 21.80 -21.29
CA THR A 173 24.94 21.06 -21.35
C THR A 173 24.77 19.61 -20.94
N LEU A 174 23.57 19.26 -20.47
CA LEU A 174 23.25 17.90 -20.03
C LEU A 174 22.56 17.20 -21.18
N THR A 175 23.40 16.71 -22.08
CA THR A 175 22.95 16.07 -23.29
C THR A 175 22.53 14.61 -23.20
N ASN A 176 22.65 14.01 -22.03
CA ASN A 176 22.22 12.62 -21.81
C ASN A 176 21.08 12.63 -20.79
N LEU A 177 20.46 13.80 -20.64
CA LEU A 177 19.43 13.96 -19.66
C LEU A 177 18.12 13.37 -20.14
N GLU A 178 17.77 12.23 -19.57
CA GLU A 178 16.51 11.59 -19.93
C GLU A 178 15.29 12.03 -19.09
N LEU A 179 15.48 12.25 -17.80
CA LEU A 179 14.37 12.66 -16.94
C LEU A 179 14.73 13.88 -16.09
N LEU A 180 13.87 14.89 -16.18
CA LEU A 180 14.03 16.09 -15.42
C LEU A 180 12.76 16.36 -14.64
N SER A 181 12.86 16.40 -13.31
CA SER A 181 11.72 16.69 -12.46
C SER A 181 11.86 18.00 -11.67
N LEU A 182 10.99 18.96 -11.98
CA LEU A 182 10.99 20.25 -11.29
C LEU A 182 9.65 20.55 -10.63
N SER A 183 8.84 19.54 -10.38
CA SER A 183 7.52 19.79 -9.78
C SER A 183 7.60 20.36 -8.38
N PHE A 184 6.58 21.14 -8.02
CA PHE A 184 6.52 21.74 -6.71
C PHE A 184 7.71 22.67 -6.45
N ASN A 185 7.82 23.62 -7.36
CA ASN A 185 8.83 24.66 -7.35
C ASN A 185 8.20 25.78 -8.15
N SER A 186 8.31 27.01 -7.66
CA SER A 186 7.72 28.11 -8.39
C SER A 186 8.63 28.59 -9.50
N LEU A 187 8.19 28.35 -10.74
CA LEU A 187 8.96 28.73 -11.90
C LEU A 187 8.32 29.84 -12.69
N SER A 188 6.99 29.85 -12.72
CA SER A 188 6.22 30.85 -13.47
C SER A 188 6.32 30.62 -14.99
N HIS A 189 7.49 30.22 -15.45
CA HIS A 189 7.73 29.96 -16.86
C HIS A 189 8.58 28.74 -16.96
N VAL A 190 8.38 27.99 -18.03
CA VAL A 190 9.14 26.78 -18.29
C VAL A 190 10.54 27.25 -18.60
N PRO A 191 11.55 26.57 -18.07
CA PRO A 191 12.92 27.02 -18.36
C PRO A 191 13.33 26.76 -19.79
N PRO A 192 14.10 27.70 -20.39
CA PRO A 192 14.53 27.47 -21.74
C PRO A 192 15.82 26.70 -21.80
N LYS A 193 16.32 26.52 -23.02
CA LYS A 193 17.56 25.82 -23.27
C LYS A 193 17.52 24.42 -22.64
N LEU A 194 16.43 23.71 -22.86
CA LEU A 194 16.30 22.35 -22.33
C LEU A 194 16.95 21.42 -23.31
N PRO A 195 17.58 20.38 -22.79
CA PRO A 195 18.25 19.39 -23.63
C PRO A 195 17.29 18.50 -24.47
N SER A 196 17.55 18.39 -25.76
CA SER A 196 16.70 17.59 -26.66
C SER A 196 16.69 16.08 -26.33
N SER A 197 17.56 15.62 -25.46
CA SER A 197 17.58 14.19 -25.09
C SER A 197 16.44 13.80 -24.15
N LEU A 198 15.76 14.81 -23.59
CA LEU A 198 14.64 14.58 -22.63
C LEU A 198 13.51 13.68 -23.08
N ARG A 199 13.21 12.72 -22.21
CA ARG A 199 12.12 11.81 -22.43
C ARG A 199 10.96 12.12 -21.46
N LYS A 200 11.27 12.44 -20.21
CA LYS A 200 10.23 12.79 -19.22
C LYS A 200 10.47 14.16 -18.57
N LEU A 201 9.50 15.05 -18.69
CA LEU A 201 9.60 16.37 -18.11
C LEU A 201 8.44 16.62 -17.13
N PHE A 202 8.73 16.59 -15.84
CA PHE A 202 7.71 16.84 -14.81
C PHE A 202 7.68 18.31 -14.35
N LEU A 203 6.53 18.96 -14.49
CA LEU A 203 6.43 20.38 -14.08
C LEU A 203 5.11 20.60 -13.39
N SER A 204 4.70 19.66 -12.56
CA SER A 204 3.41 19.82 -11.86
C SER A 204 3.53 20.90 -10.74
N ASN A 205 2.49 21.68 -10.48
CA ASN A 205 2.55 22.68 -9.40
C ASN A 205 3.79 23.54 -9.45
N THR A 206 3.94 24.23 -10.58
CA THR A 206 5.06 25.11 -10.77
C THR A 206 4.54 26.53 -11.04
N GLN A 207 3.27 26.75 -10.75
CA GLN A 207 2.68 28.06 -10.95
C GLN A 207 2.85 28.59 -12.36
N ILE A 208 2.81 27.70 -13.34
CA ILE A 208 2.95 28.10 -14.72
C ILE A 208 1.57 28.20 -15.31
N LYS A 209 1.22 29.39 -15.72
CA LYS A 209 -0.09 29.72 -16.30
C LYS A 209 -0.10 29.75 -17.81
N TYR A 210 1.02 30.04 -18.45
CA TYR A 210 1.02 30.11 -19.90
C TYR A 210 2.09 29.23 -20.48
N ILE A 211 1.69 28.41 -21.46
CA ILE A 211 2.60 27.51 -22.19
C ILE A 211 2.63 28.04 -23.60
N SER A 212 3.81 28.47 -24.03
CA SER A 212 3.97 29.04 -25.37
C SER A 212 4.51 28.05 -26.38
N GLU A 213 4.29 28.38 -27.65
CA GLU A 213 4.76 27.56 -28.78
C GLU A 213 6.23 27.17 -28.68
N GLU A 214 7.04 28.06 -28.14
CA GLU A 214 8.49 27.86 -28.01
C GLU A 214 8.91 27.11 -26.75
N ASP A 215 7.99 26.93 -25.82
CA ASP A 215 8.34 26.25 -24.58
C ASP A 215 8.96 24.88 -24.70
N PHE A 216 8.48 24.07 -25.65
CA PHE A 216 8.99 22.69 -25.83
C PHE A 216 9.43 22.49 -27.26
N LYS A 217 9.93 23.57 -27.86
CA LYS A 217 10.29 23.59 -29.26
C LYS A 217 11.07 22.38 -29.82
N GLY A 218 12.22 22.08 -29.21
CA GLY A 218 13.07 20.99 -29.68
C GLY A 218 13.09 19.69 -28.91
N LEU A 219 12.06 19.47 -28.10
CA LEU A 219 11.97 18.26 -27.29
C LEU A 219 11.25 17.23 -28.12
N ILE A 220 11.94 16.74 -29.13
CA ILE A 220 11.41 15.78 -30.07
C ILE A 220 11.37 14.37 -29.53
N ASN A 221 12.05 14.13 -28.42
CA ASN A 221 12.07 12.81 -27.80
C ASN A 221 11.15 12.63 -26.59
N LEU A 222 10.42 13.67 -26.20
CA LEU A 222 9.55 13.52 -25.05
C LEU A 222 8.51 12.46 -25.19
N THR A 223 8.37 11.70 -24.14
CA THR A 223 7.37 10.67 -24.05
C THR A 223 6.39 11.02 -22.94
N LEU A 224 6.80 11.90 -22.02
CA LEU A 224 5.95 12.29 -20.89
C LEU A 224 6.06 13.74 -20.52
N LEU A 225 4.92 14.38 -20.37
CA LEU A 225 4.86 15.77 -20.00
C LEU A 225 3.82 15.96 -18.90
N ASP A 226 4.27 16.40 -17.73
CA ASP A 226 3.38 16.62 -16.56
C ASP A 226 3.24 18.10 -16.24
N LEU A 227 2.07 18.66 -16.50
CA LEU A 227 1.77 20.04 -16.25
C LEU A 227 0.59 20.14 -15.30
N SER A 228 0.45 19.19 -14.41
CA SER A 228 -0.68 19.24 -13.50
C SER A 228 -0.46 20.21 -12.36
N GLY A 229 -1.56 20.70 -11.80
CA GLY A 229 -1.48 21.62 -10.69
C GLY A 229 -1.05 23.03 -11.05
N ASN A 230 -1.33 23.43 -12.27
CA ASN A 230 -1.02 24.75 -12.73
C ASN A 230 -2.39 25.29 -13.05
N CYS A 231 -2.81 26.30 -12.28
CA CYS A 231 -4.14 26.86 -12.33
C CYS A 231 -5.05 25.76 -11.81
N PRO A 232 -4.73 25.27 -10.60
CA PRO A 232 -5.59 24.19 -10.13
C PRO A 232 -6.99 24.55 -9.79
N ARG A 233 -7.77 23.51 -9.65
CA ARG A 233 -9.14 23.61 -9.25
C ARG A 233 -9.04 23.14 -7.81
N CYS A 234 -8.91 24.13 -6.94
CA CYS A 234 -8.73 23.90 -5.51
C CYS A 234 -9.92 23.38 -4.85
N PHE A 235 -11.07 23.70 -5.39
CA PHE A 235 -12.35 23.27 -4.83
C PHE A 235 -12.33 22.47 -3.55
N ASN A 236 -12.79 23.14 -2.49
CA ASN A 236 -12.89 22.57 -1.13
C ASN A 236 -11.57 22.26 -0.45
N ALA A 237 -10.58 23.09 -0.72
CA ALA A 237 -9.27 22.93 -0.15
C ALA A 237 -8.69 24.29 0.13
N PRO A 238 -7.83 24.39 1.15
CA PRO A 238 -7.23 25.67 1.48
C PRO A 238 -5.79 25.75 1.05
N PHE A 239 -5.18 26.91 1.31
CA PHE A 239 -3.77 27.15 1.03
C PHE A 239 -3.04 25.93 1.67
N PRO A 240 -1.96 25.39 1.08
CA PRO A 240 -1.29 25.85 -0.14
C PRO A 240 -1.91 25.65 -1.54
N CYS A 241 -3.18 25.31 -1.66
CA CYS A 241 -3.77 25.18 -2.98
C CYS A 241 -4.13 26.59 -3.41
N VAL A 242 -3.60 27.05 -4.53
CA VAL A 242 -3.84 28.42 -4.99
C VAL A 242 -4.21 28.57 -6.47
N PRO A 243 -5.44 29.02 -6.74
CA PRO A 243 -5.93 29.22 -8.11
C PRO A 243 -5.37 30.40 -8.86
N CYS A 244 -5.54 30.36 -10.17
CA CYS A 244 -5.13 31.44 -11.02
C CYS A 244 -6.23 32.49 -10.83
N ASP A 245 -5.87 33.75 -10.95
CA ASP A 245 -6.85 34.82 -10.76
C ASP A 245 -8.09 34.63 -11.61
N GLY A 246 -9.24 34.65 -10.94
CA GLY A 246 -10.53 34.49 -11.61
C GLY A 246 -10.83 33.06 -11.94
N GLY A 247 -10.15 32.14 -11.26
CA GLY A 247 -10.33 30.71 -11.51
C GLY A 247 -10.13 30.32 -12.98
N ALA A 248 -9.19 30.99 -13.66
CA ALA A 248 -8.91 30.72 -15.08
C ALA A 248 -8.08 29.46 -15.28
N SER A 249 -8.25 28.82 -16.44
CA SER A 249 -7.48 27.62 -16.69
C SER A 249 -6.14 27.97 -17.19
N ILE A 250 -5.27 26.98 -17.18
CA ILE A 250 -3.95 27.14 -17.70
C ILE A 250 -4.21 27.55 -19.16
N ASN A 251 -3.30 28.32 -19.72
CA ASN A 251 -3.45 28.79 -21.09
C ASN A 251 -2.38 28.17 -21.95
N ILE A 252 -2.82 27.28 -22.83
CA ILE A 252 -1.90 26.60 -23.71
C ILE A 252 -2.09 27.00 -25.16
N ASP A 253 -0.99 27.45 -25.76
CA ASP A 253 -0.97 27.89 -27.14
C ASP A 253 -1.32 26.73 -28.08
N ARG A 254 -2.07 27.04 -29.14
CA ARG A 254 -2.51 26.08 -30.14
C ARG A 254 -1.33 25.22 -30.66
N PHE A 255 -0.19 25.84 -30.88
CA PHE A 255 0.98 25.12 -31.39
C PHE A 255 1.96 24.67 -30.33
N ALA A 256 1.53 24.68 -29.09
CA ALA A 256 2.42 24.30 -28.00
C ALA A 256 2.99 22.90 -28.07
N PHE A 257 2.23 21.97 -28.64
CA PHE A 257 2.68 20.57 -28.72
C PHE A 257 2.87 20.04 -30.15
N GLN A 258 2.89 20.90 -31.17
CA GLN A 258 3.01 20.44 -32.56
C GLN A 258 4.20 19.56 -32.86
N ASN A 259 5.29 19.71 -32.12
CA ASN A 259 6.48 18.89 -32.35
C ASN A 259 6.68 17.77 -31.40
N LEU A 260 5.77 17.57 -30.48
CA LEU A 260 5.93 16.47 -29.49
C LEU A 260 5.28 15.17 -29.95
N THR A 261 5.75 14.67 -31.10
CA THR A 261 5.17 13.49 -31.70
C THR A 261 5.42 12.20 -30.93
N GLN A 262 6.39 12.18 -30.03
CA GLN A 262 6.68 10.97 -29.25
C GLN A 262 5.93 10.91 -27.89
N LEU A 263 5.04 11.86 -27.67
CA LEU A 263 4.37 11.93 -26.41
C LEU A 263 3.42 10.76 -26.13
N ARG A 264 3.68 10.05 -25.05
CA ARG A 264 2.83 8.95 -24.59
C ARG A 264 1.95 9.27 -23.40
N TYR A 265 2.47 10.08 -22.50
CA TYR A 265 1.75 10.43 -21.27
C TYR A 265 1.66 11.91 -21.11
N LEU A 266 0.44 12.40 -20.97
CA LEU A 266 0.18 13.83 -20.81
C LEU A 266 -0.70 14.03 -19.57
N ASN A 267 -0.19 14.76 -18.59
CA ASN A 267 -0.95 14.99 -17.37
C ASN A 267 -1.39 16.43 -17.25
N LEU A 268 -2.68 16.67 -17.40
CA LEU A 268 -3.26 17.99 -17.31
C LEU A 268 -4.29 18.03 -16.19
N SER A 269 -4.09 17.19 -15.19
CA SER A 269 -4.99 17.17 -14.06
C SER A 269 -4.89 18.45 -13.26
N SER A 270 -6.03 19.05 -12.94
CA SER A 270 -6.10 20.25 -12.11
C SER A 270 -5.37 21.45 -12.72
N THR A 271 -5.90 21.86 -13.87
CA THR A 271 -5.40 23.00 -14.62
C THR A 271 -6.62 23.86 -14.96
N SER A 272 -7.74 23.48 -14.37
CA SER A 272 -8.99 24.20 -14.53
C SER A 272 -9.43 24.39 -15.95
N LEU A 273 -9.16 23.38 -16.78
CA LEU A 273 -9.56 23.44 -18.18
C LEU A 273 -11.05 23.37 -18.44
N ARG A 274 -11.52 24.21 -19.35
CA ARG A 274 -12.92 24.24 -19.74
C ARG A 274 -13.01 23.79 -21.19
N LYS A 275 -11.98 24.14 -21.96
CA LYS A 275 -11.90 23.73 -23.36
C LYS A 275 -10.60 22.99 -23.61
N ILE A 276 -10.71 21.90 -24.35
CA ILE A 276 -9.57 21.08 -24.76
C ILE A 276 -9.47 21.31 -26.26
N ASN A 277 -8.38 21.92 -26.73
CA ASN A 277 -8.21 22.17 -28.15
C ASN A 277 -7.77 20.88 -28.84
N ALA A 278 -8.63 20.33 -29.68
CA ALA A 278 -8.32 19.09 -30.40
C ALA A 278 -7.06 19.19 -31.18
N ALA A 279 -6.77 20.39 -31.65
CA ALA A 279 -5.58 20.58 -32.42
C ALA A 279 -4.32 20.28 -31.68
N TRP A 280 -4.36 20.27 -30.33
CA TRP A 280 -3.11 20.01 -29.59
C TRP A 280 -2.64 18.61 -29.86
N PHE A 281 -3.56 17.74 -30.25
CA PHE A 281 -3.23 16.36 -30.51
C PHE A 281 -2.97 15.96 -31.97
N LYS A 282 -3.03 16.90 -32.92
CA LYS A 282 -2.81 16.56 -34.34
C LYS A 282 -1.59 15.72 -34.62
N ASN A 283 -0.50 16.07 -33.96
CA ASN A 283 0.76 15.43 -34.18
C ASN A 283 1.24 14.64 -33.05
N MET A 284 0.31 13.97 -32.37
CA MET A 284 0.68 13.19 -31.20
C MET A 284 0.00 11.82 -31.29
N PRO A 285 0.39 11.02 -32.30
CA PRO A 285 -0.20 9.71 -32.54
C PRO A 285 0.08 8.61 -31.53
N HIS A 286 1.08 8.78 -30.68
CA HIS A 286 1.40 7.74 -29.70
C HIS A 286 0.84 7.90 -28.29
N LEU A 287 0.04 8.93 -28.07
CA LEU A 287 -0.50 9.17 -26.72
C LEU A 287 -1.28 8.01 -26.16
N LYS A 288 -0.71 7.35 -25.16
CA LYS A 288 -1.34 6.22 -24.47
C LYS A 288 -2.16 6.58 -23.22
N VAL A 289 -1.73 7.60 -22.47
CA VAL A 289 -2.38 8.00 -21.19
C VAL A 289 -2.69 9.46 -21.07
N LEU A 290 -3.94 9.79 -20.81
CA LEU A 290 -4.31 11.19 -20.70
C LEU A 290 -5.12 11.47 -19.40
N ASP A 291 -4.51 12.26 -18.51
CA ASP A 291 -5.10 12.64 -17.20
C ASP A 291 -5.70 14.03 -17.25
N LEU A 292 -7.03 14.10 -17.11
CA LEU A 292 -7.76 15.35 -17.14
C LEU A 292 -8.72 15.47 -15.90
N GLU A 293 -8.31 14.87 -14.80
CA GLU A 293 -9.04 14.89 -13.53
C GLU A 293 -9.00 16.31 -12.93
N PHE A 294 -10.02 16.68 -12.15
CA PHE A 294 -10.04 17.98 -11.45
C PHE A 294 -9.97 19.19 -12.36
N ASN A 295 -10.87 19.21 -13.33
CA ASN A 295 -11.00 20.28 -14.29
C ASN A 295 -12.51 20.51 -14.37
N TYR A 296 -12.94 21.34 -15.31
CA TYR A 296 -14.35 21.66 -15.49
C TYR A 296 -14.74 21.21 -16.89
N LEU A 297 -14.58 19.91 -17.18
CA LEU A 297 -14.83 19.35 -18.52
C LEU A 297 -16.14 18.63 -18.86
N VAL A 298 -17.20 18.86 -18.10
CA VAL A 298 -18.48 18.20 -18.41
C VAL A 298 -18.92 18.53 -19.86
N GLY A 299 -18.62 19.75 -20.31
CA GLY A 299 -18.96 20.21 -21.67
C GLY A 299 -18.23 19.38 -22.72
N GLU A 300 -16.91 19.37 -22.61
CA GLU A 300 -16.05 18.60 -23.49
C GLU A 300 -16.42 17.14 -23.51
N ILE A 301 -16.79 16.61 -22.35
CA ILE A 301 -17.17 15.22 -22.26
C ILE A 301 -18.40 14.96 -23.09
N ALA A 302 -19.26 15.98 -23.21
CA ALA A 302 -20.47 15.83 -24.01
C ALA A 302 -20.25 16.07 -25.52
N SER A 303 -19.37 17.00 -25.89
CA SER A 303 -19.11 17.29 -27.28
C SER A 303 -17.64 17.56 -27.54
N GLY A 304 -16.78 16.63 -27.19
CA GLY A 304 -15.35 16.82 -27.38
C GLY A 304 -14.73 16.28 -28.66
N ALA A 305 -14.26 17.22 -29.46
CA ALA A 305 -13.64 16.90 -30.71
C ALA A 305 -12.28 16.22 -30.47
N PHE A 306 -11.66 16.51 -29.32
CA PHE A 306 -10.35 15.94 -28.99
C PHE A 306 -10.43 14.42 -28.91
N LEU A 307 -11.63 13.91 -28.71
CA LEU A 307 -11.84 12.46 -28.61
C LEU A 307 -11.59 11.75 -29.95
N THR A 308 -11.69 12.47 -31.03
CA THR A 308 -11.48 11.86 -32.34
C THR A 308 -10.02 11.78 -32.70
N MET A 309 -9.17 12.38 -31.89
CA MET A 309 -7.73 12.42 -32.15
C MET A 309 -6.97 11.43 -31.34
N LEU A 310 -7.65 10.49 -30.68
CA LEU A 310 -6.92 9.54 -29.80
C LEU A 310 -7.24 8.04 -29.90
N PRO A 311 -7.23 7.52 -31.13
CA PRO A 311 -7.51 6.08 -31.41
C PRO A 311 -6.54 5.13 -30.75
N ARG A 312 -5.42 5.66 -30.31
CA ARG A 312 -4.43 4.82 -29.68
C ARG A 312 -4.40 5.01 -28.12
N LEU A 313 -5.27 5.85 -27.55
CA LEU A 313 -5.27 6.06 -26.09
C LEU A 313 -5.74 4.83 -25.29
N GLU A 314 -5.02 4.48 -24.24
CA GLU A 314 -5.38 3.36 -23.41
C GLU A 314 -6.04 3.76 -22.09
N ILE A 315 -5.62 4.87 -21.50
CA ILE A 315 -6.17 5.31 -20.23
C ILE A 315 -6.59 6.74 -20.26
N LEU A 316 -7.87 6.97 -19.99
CA LEU A 316 -8.42 8.33 -19.98
C LEU A 316 -9.05 8.56 -18.61
N ASP A 317 -8.53 9.57 -17.89
CA ASP A 317 -9.06 9.88 -16.55
C ASP A 317 -9.76 11.20 -16.61
N LEU A 318 -11.07 11.14 -16.40
CA LEU A 318 -11.88 12.34 -16.42
C LEU A 318 -12.59 12.57 -15.06
N SER A 319 -12.07 11.97 -14.01
CA SER A 319 -12.66 12.08 -12.70
C SER A 319 -12.72 13.48 -12.13
N PHE A 320 -13.72 13.70 -11.32
CA PHE A 320 -13.94 14.97 -10.64
C PHE A 320 -13.94 16.17 -11.51
N ASN A 321 -14.85 16.17 -12.48
CA ASN A 321 -15.07 17.31 -13.36
C ASN A 321 -16.48 17.81 -13.13
N TYR A 322 -17.05 17.51 -11.98
CA TYR A 322 -18.43 17.93 -11.73
C TYR A 322 -18.60 19.41 -11.64
N ILE A 323 -19.80 19.86 -11.98
CA ILE A 323 -20.19 21.26 -11.85
C ILE A 323 -20.84 21.40 -10.45
N LYS A 324 -20.27 22.22 -9.58
CA LYS A 324 -20.79 22.41 -8.20
C LYS A 324 -22.27 22.63 -8.19
N GLY A 325 -22.94 21.86 -7.38
CA GLY A 325 -24.37 22.01 -7.23
C GLY A 325 -25.21 21.45 -8.34
N SER A 326 -24.58 20.91 -9.37
CA SER A 326 -25.35 20.32 -10.47
C SER A 326 -25.51 18.83 -10.25
N TYR A 327 -26.71 18.31 -10.51
CA TYR A 327 -26.98 16.88 -10.34
C TYR A 327 -27.89 16.38 -11.45
N PRO A 328 -27.39 16.45 -12.68
CA PRO A 328 -28.12 16.04 -13.87
C PRO A 328 -28.69 14.65 -13.79
N GLN A 329 -29.79 14.45 -14.49
CA GLN A 329 -30.41 13.14 -14.51
C GLN A 329 -29.55 12.09 -15.14
N HIS A 330 -28.84 12.46 -16.21
CA HIS A 330 -28.00 11.50 -16.91
C HIS A 330 -26.62 12.01 -17.18
N ILE A 331 -25.70 11.09 -17.46
CA ILE A 331 -24.34 11.47 -17.80
C ILE A 331 -24.39 11.68 -19.32
N ASN A 332 -23.81 12.78 -19.80
CA ASN A 332 -23.83 13.07 -21.24
C ASN A 332 -22.47 12.76 -21.87
N ILE A 333 -22.37 11.56 -22.41
CA ILE A 333 -21.16 11.02 -23.03
C ILE A 333 -21.19 11.16 -24.55
N SER A 334 -20.32 11.98 -25.11
CA SER A 334 -20.25 12.16 -26.58
C SER A 334 -20.21 10.89 -27.44
N ARG A 335 -20.68 11.01 -28.69
CA ARG A 335 -20.62 9.87 -29.66
C ARG A 335 -19.16 9.55 -29.97
N ASN A 336 -18.32 10.57 -29.96
CA ASN A 336 -16.90 10.41 -30.23
C ASN A 336 -16.16 9.48 -29.28
N PHE A 337 -16.76 9.11 -28.15
CA PHE A 337 -16.10 8.14 -27.27
C PHE A 337 -15.86 6.85 -28.06
N SER A 338 -16.78 6.55 -29.00
CA SER A 338 -16.72 5.32 -29.84
C SER A 338 -15.43 5.27 -30.64
N LYS A 339 -14.81 6.42 -30.87
CA LYS A 339 -13.53 6.48 -31.55
C LYS A 339 -12.27 6.17 -30.74
N LEU A 340 -12.37 5.88 -29.43
CA LEU A 340 -11.17 5.58 -28.60
C LEU A 340 -10.99 4.07 -28.67
N LEU A 341 -10.55 3.62 -29.83
CA LEU A 341 -10.43 2.19 -30.07
C LEU A 341 -9.42 1.43 -29.29
N SER A 342 -8.45 2.10 -28.67
CA SER A 342 -7.45 1.36 -27.90
C SER A 342 -7.73 1.50 -26.37
N LEU A 343 -8.83 2.16 -26.01
CA LEU A 343 -9.17 2.40 -24.60
C LEU A 343 -9.33 1.16 -23.76
N ARG A 344 -8.55 1.09 -22.69
CA ARG A 344 -8.63 -0.04 -21.79
C ARG A 344 -9.29 0.35 -20.46
N ALA A 345 -9.16 1.61 -20.05
CA ALA A 345 -9.74 2.08 -18.79
C ALA A 345 -10.22 3.49 -18.89
N LEU A 346 -11.45 3.68 -18.43
CA LEU A 346 -12.09 4.97 -18.42
C LEU A 346 -12.42 5.31 -16.95
N HIS A 347 -11.85 6.40 -16.47
CA HIS A 347 -12.09 6.85 -15.10
C HIS A 347 -12.98 8.05 -15.10
N LEU A 348 -14.22 7.82 -14.66
CA LEU A 348 -15.28 8.82 -14.57
C LEU A 348 -15.84 9.02 -13.19
N ARG A 349 -14.96 9.10 -12.20
CA ARG A 349 -15.46 9.34 -10.88
C ARG A 349 -15.87 10.78 -10.72
N GLY A 350 -16.85 10.97 -9.87
CA GLY A 350 -17.26 12.32 -9.56
C GLY A 350 -17.69 13.26 -10.64
N TYR A 351 -18.53 12.74 -11.51
CA TYR A 351 -19.12 13.56 -12.56
C TYR A 351 -20.42 14.02 -11.88
N VAL A 352 -21.04 13.09 -11.19
CA VAL A 352 -22.24 13.33 -10.42
C VAL A 352 -23.49 13.43 -11.26
N PHE A 353 -24.29 12.36 -11.21
CA PHE A 353 -25.50 12.30 -12.00
C PHE A 353 -26.38 11.28 -11.33
N GLN A 354 -27.64 11.20 -11.72
CA GLN A 354 -28.59 10.31 -10.98
C GLN A 354 -28.92 8.98 -11.55
N GLU A 355 -28.92 8.91 -12.86
CA GLU A 355 -29.29 7.69 -13.48
C GLU A 355 -28.38 7.31 -14.67
N LEU A 356 -28.15 6.01 -14.81
CA LEU A 356 -27.32 5.51 -15.91
C LEU A 356 -28.20 4.59 -16.74
N ARG A 357 -28.49 5.01 -17.97
CA ARG A 357 -29.31 4.25 -18.88
C ARG A 357 -28.46 3.59 -19.97
N GLU A 358 -28.97 2.53 -20.59
CA GLU A 358 -28.24 1.81 -21.64
C GLU A 358 -27.79 2.72 -22.78
N ASP A 359 -28.64 3.66 -23.17
CA ASP A 359 -28.29 4.58 -24.26
C ASP A 359 -27.16 5.52 -23.92
N ASP A 360 -27.07 5.90 -22.65
CA ASP A 360 -26.02 6.83 -22.19
C ASP A 360 -24.61 6.29 -22.46
N PHE A 361 -24.45 4.96 -22.43
CA PHE A 361 -23.16 4.31 -22.66
C PHE A 361 -22.98 3.61 -23.99
N GLN A 362 -23.70 4.11 -24.99
CA GLN A 362 -23.69 3.55 -26.33
C GLN A 362 -22.29 3.64 -26.95
N PRO A 363 -21.70 4.83 -26.92
CA PRO A 363 -20.40 5.03 -27.50
C PRO A 363 -19.29 4.10 -27.06
N LEU A 364 -19.40 3.51 -25.88
CA LEU A 364 -18.36 2.63 -25.32
C LEU A 364 -18.57 1.13 -25.56
N MET A 365 -19.77 0.76 -25.98
CA MET A 365 -20.07 -0.65 -26.17
C MET A 365 -19.33 -1.33 -27.31
N GLN A 366 -18.58 -0.56 -28.08
CA GLN A 366 -17.84 -1.14 -29.19
C GLN A 366 -16.31 -1.15 -28.95
N LEU A 367 -15.83 -0.40 -27.98
CA LEU A 367 -14.41 -0.35 -27.70
C LEU A 367 -13.98 -1.76 -27.30
N PRO A 368 -13.16 -2.42 -28.12
CA PRO A 368 -12.75 -3.81 -27.87
C PRO A 368 -11.87 -4.10 -26.72
N ASN A 369 -11.11 -3.13 -26.25
CA ASN A 369 -10.22 -3.38 -25.11
C ASN A 369 -10.67 -2.74 -23.77
N LEU A 370 -11.87 -2.20 -23.71
CA LEU A 370 -12.34 -1.58 -22.48
C LEU A 370 -12.59 -2.64 -21.38
N SER A 371 -11.66 -2.77 -20.44
CA SER A 371 -11.83 -3.75 -19.37
C SER A 371 -12.20 -3.15 -18.00
N THR A 372 -12.01 -1.84 -17.85
CA THR A 372 -12.32 -1.16 -16.62
C THR A 372 -13.15 0.11 -16.78
N ILE A 373 -14.31 0.12 -16.13
CA ILE A 373 -15.17 1.30 -16.10
C ILE A 373 -15.28 1.74 -14.62
N ASN A 374 -14.83 2.95 -14.36
CA ASN A 374 -14.84 3.48 -13.00
C ASN A 374 -15.85 4.58 -12.87
N LEU A 375 -16.94 4.28 -12.16
CA LEU A 375 -18.02 5.21 -11.91
C LEU A 375 -18.19 5.46 -10.43
N GLY A 376 -17.11 5.36 -9.68
CA GLY A 376 -17.18 5.60 -8.29
C GLY A 376 -17.53 7.04 -7.99
N ILE A 377 -18.26 7.23 -6.89
CA ILE A 377 -18.63 8.55 -6.39
C ILE A 377 -19.38 9.40 -7.34
N ASN A 378 -20.51 8.91 -7.77
CA ASN A 378 -21.34 9.64 -8.70
C ASN A 378 -22.76 9.87 -8.17
N PHE A 379 -23.06 9.24 -7.06
CA PHE A 379 -24.34 9.34 -6.40
C PHE A 379 -25.45 9.01 -7.33
N ILE A 380 -25.27 7.89 -8.00
CA ILE A 380 -26.18 7.35 -8.96
C ILE A 380 -27.24 6.60 -8.20
N LYS A 381 -28.52 6.86 -8.53
CA LYS A 381 -29.67 6.25 -7.86
C LYS A 381 -30.22 5.05 -8.58
N GLN A 382 -30.07 5.09 -9.90
CA GLN A 382 -30.55 4.02 -10.74
C GLN A 382 -29.58 3.73 -11.88
N ILE A 383 -29.53 2.45 -12.21
CA ILE A 383 -28.73 1.95 -13.26
C ILE A 383 -29.46 0.85 -14.01
N ASP A 384 -29.43 0.89 -15.33
CA ASP A 384 -30.04 -0.20 -16.08
C ASP A 384 -28.86 -1.20 -16.21
N PHE A 385 -28.76 -2.16 -15.30
CA PHE A 385 -27.64 -3.14 -15.34
C PHE A 385 -27.47 -3.95 -16.59
N LYS A 386 -28.53 -4.17 -17.38
CA LYS A 386 -28.33 -4.98 -18.60
C LYS A 386 -27.31 -4.34 -19.51
N LEU A 387 -27.11 -3.03 -19.42
CA LEU A 387 -26.18 -2.35 -20.28
C LEU A 387 -24.76 -2.95 -20.19
N PHE A 388 -24.38 -3.48 -19.03
CA PHE A 388 -23.03 -4.06 -18.89
C PHE A 388 -22.83 -5.36 -19.68
N GLN A 389 -23.92 -6.02 -20.04
CA GLN A 389 -23.83 -7.25 -20.81
C GLN A 389 -23.43 -6.94 -22.23
N ASN A 390 -23.62 -5.72 -22.68
CA ASN A 390 -23.28 -5.39 -24.04
C ASN A 390 -21.85 -4.85 -24.22
N PHE A 391 -20.89 -5.50 -23.56
CA PHE A 391 -19.47 -5.10 -23.65
C PHE A 391 -18.58 -6.29 -23.95
N SER A 392 -17.62 -6.08 -24.83
CA SER A 392 -16.73 -7.14 -25.23
C SER A 392 -15.84 -7.64 -24.09
N ASN A 393 -15.10 -6.73 -23.45
CA ASN A 393 -14.15 -7.12 -22.42
C ASN A 393 -14.18 -6.61 -20.98
N LEU A 394 -15.30 -6.15 -20.46
CA LEU A 394 -15.32 -5.71 -19.07
C LEU A 394 -14.89 -6.74 -18.06
N GLU A 395 -13.91 -6.37 -17.25
CA GLU A 395 -13.44 -7.21 -16.18
C GLU A 395 -13.67 -6.53 -14.82
N ILE A 396 -13.79 -5.20 -14.83
CA ILE A 396 -13.98 -4.41 -13.64
C ILE A 396 -14.98 -3.32 -13.79
N ILE A 397 -16.06 -3.43 -13.00
CA ILE A 397 -17.17 -2.45 -12.98
C ILE A 397 -17.14 -1.85 -11.55
N TYR A 398 -16.58 -0.66 -11.44
CA TYR A 398 -16.44 -0.03 -10.15
C TYR A 398 -17.54 0.97 -9.92
N LEU A 399 -18.41 0.64 -8.98
CA LEU A 399 -19.54 1.50 -8.64
C LEU A 399 -19.61 1.88 -7.11
N SER A 400 -18.48 1.96 -6.44
CA SER A 400 -18.51 2.28 -5.02
C SER A 400 -18.95 3.71 -4.80
N GLU A 401 -19.64 3.94 -3.70
CA GLU A 401 -20.11 5.28 -3.35
C GLU A 401 -21.12 5.84 -4.34
N ASN A 402 -22.15 5.07 -4.54
CA ASN A 402 -23.25 5.50 -5.37
C ASN A 402 -24.49 5.28 -4.53
N ARG A 403 -25.67 5.51 -5.08
CA ARG A 403 -26.86 5.35 -4.29
C ARG A 403 -27.81 4.26 -4.74
N ILE A 404 -27.26 3.11 -5.13
CA ILE A 404 -28.11 2.01 -5.54
C ILE A 404 -28.88 1.56 -4.31
N SER A 405 -30.18 1.38 -4.51
CA SER A 405 -31.14 0.97 -3.48
C SER A 405 -31.63 -0.42 -3.77
N PRO A 406 -32.40 -0.98 -2.83
CA PRO A 406 -32.95 -2.29 -3.04
C PRO A 406 -33.92 -2.20 -4.19
N LEU A 407 -33.94 -3.22 -5.04
CA LEU A 407 -34.81 -3.27 -6.22
C LEU A 407 -35.95 -4.27 -6.03
N VAL A 408 -37.17 -3.73 -5.96
CA VAL A 408 -38.40 -4.50 -5.78
C VAL A 408 -39.25 -4.47 -7.05
N ASN A 417 -34.50 14.78 -8.05
CA ASN A 417 -34.02 16.06 -7.52
C ASN A 417 -33.57 16.97 -8.67
N SER A 418 -32.89 18.05 -8.32
CA SER A 418 -32.41 19.01 -9.32
C SER A 418 -30.97 19.47 -9.00
N SER A 419 -30.60 19.39 -7.73
CA SER A 419 -29.30 19.80 -7.25
C SER A 419 -28.72 18.83 -6.24
N SER A 420 -27.49 19.11 -5.80
CA SER A 420 -26.78 18.27 -4.80
C SER A 420 -25.69 19.10 -4.10
N PHE A 421 -25.08 18.51 -3.07
CA PHE A 421 -24.00 19.16 -2.36
C PHE A 421 -22.80 18.21 -2.21
N GLN A 422 -22.06 18.04 -3.29
CA GLN A 422 -20.85 17.22 -3.29
C GLN A 422 -19.67 18.13 -3.00
N ARG A 423 -18.85 17.74 -2.03
CA ARG A 423 -17.66 18.48 -1.63
C ARG A 423 -16.52 17.49 -1.61
N HIS A 424 -15.51 17.72 -2.45
CA HIS A 424 -14.37 16.82 -2.50
C HIS A 424 -13.26 17.27 -1.51
N ILE A 425 -12.56 16.30 -0.90
CA ILE A 425 -11.47 16.59 0.05
C ILE A 425 -10.37 15.53 -0.03
N PRO A 437 6.24 12.35 -1.49
CA PRO A 437 5.80 11.77 -2.75
C PRO A 437 6.09 12.67 -3.98
N HIS A 438 6.79 12.18 -5.01
CA HIS A 438 7.36 10.83 -5.13
C HIS A 438 6.28 9.77 -5.49
N SER A 439 5.04 10.21 -5.47
CA SER A 439 3.92 9.36 -5.82
C SER A 439 2.79 10.23 -6.33
N ASN A 440 1.87 9.57 -7.01
CA ASN A 440 0.67 10.14 -7.62
C ASN A 440 0.48 9.52 -9.00
N PHE A 441 0.13 10.35 -9.97
CA PHE A 441 -0.68 10.07 -11.13
C PHE A 441 -2.03 10.71 -10.87
N TYR A 442 -2.37 10.94 -9.60
CA TYR A 442 -3.64 11.51 -9.16
C TYR A 442 -4.81 10.54 -9.04
N HIS A 443 -4.59 9.23 -9.06
CA HIS A 443 -5.73 8.39 -8.85
C HIS A 443 -5.54 7.18 -8.00
N PHE A 444 -5.25 7.40 -6.71
CA PHE A 444 -5.48 6.38 -5.70
C PHE A 444 -4.93 5.03 -6.11
N THR A 445 -3.63 4.98 -6.39
CA THR A 445 -2.99 4.06 -7.32
C THR A 445 -3.27 2.62 -6.90
N ARG A 446 -3.69 2.49 -5.65
CA ARG A 446 -4.10 1.23 -5.09
C ARG A 446 -5.20 0.73 -5.98
N PRO A 447 -5.26 -0.66 -6.13
CA PRO A 447 -6.23 -1.09 -7.12
C PRO A 447 -7.63 -0.83 -6.67
N LEU A 448 -8.53 -0.70 -7.61
CA LEU A 448 -9.92 -0.47 -7.33
C LEU A 448 -10.51 -1.60 -6.56
N ILE A 449 -10.14 -2.83 -6.89
CA ILE A 449 -10.68 -4.02 -6.23
C ILE A 449 -9.53 -4.88 -5.69
N LYS A 450 -9.66 -5.52 -4.54
CA LYS A 450 -8.55 -6.34 -4.13
C LYS A 450 -8.24 -7.30 -5.28
N PRO A 451 -6.97 -7.54 -5.57
CA PRO A 451 -6.56 -8.47 -6.65
C PRO A 451 -6.95 -9.93 -6.38
N GLN A 452 -7.03 -10.32 -5.12
CA GLN A 452 -7.41 -11.64 -4.83
C GLN A 452 -8.85 -11.86 -5.26
N CYS A 453 -9.56 -10.77 -5.51
CA CYS A 453 -10.95 -10.87 -5.90
C CYS A 453 -11.09 -10.78 -7.39
N ALA A 454 -10.41 -9.84 -8.01
CA ALA A 454 -10.54 -9.71 -9.46
C ALA A 454 -9.99 -10.93 -10.18
N ALA A 455 -8.91 -11.47 -9.64
CA ALA A 455 -8.27 -12.65 -10.22
C ALA A 455 -9.31 -13.70 -10.67
N TYR A 456 -10.45 -13.80 -10.02
CA TYR A 456 -11.43 -14.79 -10.42
C TYR A 456 -12.28 -14.42 -11.63
N GLY A 457 -12.29 -13.19 -12.07
CA GLY A 457 -13.13 -12.87 -13.19
C GLY A 457 -13.73 -11.49 -13.16
N LYS A 458 -14.88 -11.34 -13.81
CA LYS A 458 -15.55 -10.07 -13.85
C LYS A 458 -15.87 -9.68 -12.41
N ALA A 459 -15.57 -8.43 -12.09
CA ALA A 459 -15.78 -7.91 -10.78
C ALA A 459 -16.72 -6.78 -10.78
N LEU A 460 -17.60 -6.80 -9.79
CA LEU A 460 -18.57 -5.72 -9.62
C LEU A 460 -18.42 -5.16 -8.20
N ASP A 461 -18.16 -3.88 -8.09
CA ASP A 461 -18.02 -3.28 -6.78
C ASP A 461 -19.21 -2.37 -6.49
N LEU A 462 -20.01 -2.78 -5.51
CA LEU A 462 -21.19 -2.03 -5.08
C LEU A 462 -21.12 -1.63 -3.60
N SER A 463 -19.90 -1.47 -3.11
CA SER A 463 -19.70 -1.09 -1.74
C SER A 463 -20.16 0.36 -1.58
N LEU A 464 -20.56 0.73 -0.37
CA LEU A 464 -20.93 2.14 -0.11
C LEU A 464 -22.09 2.65 -0.92
N ASN A 465 -23.07 1.79 -1.11
CA ASN A 465 -24.28 2.16 -1.76
C ASN A 465 -25.36 2.02 -0.69
N SER A 466 -26.63 1.94 -1.09
CA SER A 466 -27.71 1.82 -0.12
C SER A 466 -28.44 0.53 -0.27
N ILE A 467 -27.72 -0.54 -0.54
CA ILE A 467 -28.37 -1.81 -0.74
C ILE A 467 -28.56 -2.40 0.64
N PHE A 468 -29.46 -1.80 1.39
CA PHE A 468 -29.67 -2.22 2.75
C PHE A 468 -30.40 -3.52 2.84
N PHE A 469 -30.96 -3.89 1.71
CA PHE A 469 -31.65 -5.12 1.59
C PHE A 469 -31.49 -5.51 0.14
N ILE A 470 -31.23 -6.78 -0.13
CA ILE A 470 -31.07 -7.22 -1.48
C ILE A 470 -32.41 -7.74 -1.90
N GLY A 471 -32.98 -7.11 -2.90
CA GLY A 471 -34.30 -7.46 -3.43
C GLY A 471 -34.28 -8.67 -4.36
N PRO A 472 -35.46 -9.14 -4.78
CA PRO A 472 -35.51 -10.32 -5.67
C PRO A 472 -34.94 -10.08 -7.09
N ASN A 473 -34.99 -8.86 -7.58
CA ASN A 473 -34.45 -8.53 -8.91
C ASN A 473 -33.22 -7.63 -8.78
N GLN A 474 -32.56 -7.69 -7.64
CA GLN A 474 -31.44 -6.83 -7.45
C GLN A 474 -30.37 -7.01 -8.51
N PHE A 475 -30.01 -8.27 -8.77
CA PHE A 475 -28.96 -8.56 -9.70
C PHE A 475 -29.35 -9.06 -11.11
N GLU A 476 -30.62 -8.88 -11.49
CA GLU A 476 -31.08 -9.33 -12.81
C GLU A 476 -30.36 -8.62 -13.97
N ASN A 477 -30.10 -9.35 -15.03
CA ASN A 477 -29.43 -8.81 -16.22
C ASN A 477 -27.95 -8.51 -16.07
N LEU A 478 -27.34 -8.95 -14.99
CA LEU A 478 -25.90 -8.73 -14.81
C LEU A 478 -25.08 -9.78 -15.52
N PRO A 479 -23.90 -9.40 -15.99
CA PRO A 479 -23.10 -10.45 -16.62
C PRO A 479 -22.67 -11.46 -15.55
N ASP A 480 -22.01 -12.53 -15.94
CA ASP A 480 -21.60 -13.54 -15.00
C ASP A 480 -20.49 -13.00 -14.13
N ILE A 481 -20.86 -12.54 -12.95
CA ILE A 481 -19.91 -11.96 -11.99
C ILE A 481 -19.17 -12.98 -11.19
N ALA A 482 -17.86 -12.81 -11.08
CA ALA A 482 -17.04 -13.76 -10.30
C ALA A 482 -16.68 -13.19 -8.94
N CYS A 483 -16.57 -11.86 -8.91
CA CYS A 483 -16.17 -11.09 -7.74
C CYS A 483 -17.19 -10.00 -7.47
N LEU A 484 -17.68 -9.97 -6.23
CA LEU A 484 -18.71 -8.99 -5.84
C LEU A 484 -18.46 -8.38 -4.44
N ASN A 485 -18.51 -7.06 -4.37
CA ASN A 485 -18.32 -6.39 -3.10
C ASN A 485 -19.64 -5.67 -2.71
N LEU A 486 -20.20 -6.05 -1.56
CA LEU A 486 -21.45 -5.44 -1.03
C LEU A 486 -21.21 -4.86 0.37
N SER A 487 -19.97 -4.51 0.63
CA SER A 487 -19.57 -3.97 1.90
C SER A 487 -20.19 -2.59 2.14
N ALA A 488 -20.48 -2.30 3.40
CA ALA A 488 -20.99 -1.00 3.79
C ALA A 488 -22.23 -0.53 3.10
N ASN A 489 -23.29 -1.30 3.20
CA ASN A 489 -24.58 -0.95 2.63
C ASN A 489 -25.71 -0.99 3.68
N SER A 490 -25.38 -0.98 4.97
CA SER A 490 -26.39 -1.05 6.05
C SER A 490 -27.34 -2.19 5.74
N ASN A 491 -26.82 -3.32 5.33
CA ASN A 491 -27.72 -4.40 5.03
C ASN A 491 -28.01 -5.19 6.27
N ALA A 492 -29.28 -5.20 6.67
CA ALA A 492 -29.68 -5.94 7.89
C ALA A 492 -30.58 -7.11 7.60
N GLN A 493 -30.53 -7.64 6.38
CA GLN A 493 -31.43 -8.72 6.01
C GLN A 493 -31.00 -10.08 6.43
N VAL A 494 -31.95 -11.02 6.34
CA VAL A 494 -31.74 -12.42 6.64
C VAL A 494 -31.57 -13.13 5.31
N LEU A 495 -30.33 -13.45 4.93
CA LEU A 495 -30.06 -14.14 3.67
C LEU A 495 -30.70 -15.50 3.74
N SER A 496 -31.38 -15.90 2.67
CA SER A 496 -32.11 -17.17 2.67
C SER A 496 -31.77 -18.22 1.63
N GLY A 497 -30.89 -17.91 0.70
CA GLY A 497 -30.51 -18.89 -0.32
C GLY A 497 -31.01 -18.60 -1.72
N THR A 498 -31.64 -17.44 -1.92
CA THR A 498 -32.18 -17.05 -3.22
C THR A 498 -31.70 -15.68 -3.70
N GLU A 499 -31.15 -14.90 -2.79
CA GLU A 499 -30.75 -13.56 -3.14
C GLU A 499 -29.77 -13.47 -4.26
N PHE A 500 -28.90 -14.48 -4.44
CA PHE A 500 -27.88 -14.47 -5.53
C PHE A 500 -28.13 -15.47 -6.68
N SER A 501 -29.38 -15.87 -6.88
CA SER A 501 -29.70 -16.82 -7.91
C SER A 501 -29.30 -16.35 -9.32
N ALA A 502 -29.41 -15.04 -9.61
CA ALA A 502 -29.05 -14.49 -10.93
C ALA A 502 -27.56 -14.38 -11.19
N ILE A 503 -26.73 -14.52 -10.16
CA ILE A 503 -25.27 -14.47 -10.34
C ILE A 503 -24.74 -15.56 -9.44
N PRO A 504 -25.08 -16.79 -9.79
CA PRO A 504 -24.68 -17.90 -8.96
C PRO A 504 -23.26 -18.33 -9.10
N HIS A 505 -22.47 -17.68 -9.95
CA HIS A 505 -21.08 -18.13 -10.08
C HIS A 505 -20.06 -17.26 -9.35
N VAL A 506 -20.52 -16.50 -8.38
CA VAL A 506 -19.61 -15.67 -7.64
C VAL A 506 -18.65 -16.55 -6.89
N LYS A 507 -17.36 -16.20 -6.95
CA LYS A 507 -16.31 -16.98 -6.27
C LYS A 507 -15.81 -16.31 -5.00
N TYR A 508 -15.75 -14.98 -5.07
CA TYR A 508 -15.27 -14.18 -3.97
C TYR A 508 -16.40 -13.20 -3.64
N LEU A 509 -16.92 -13.29 -2.42
CA LEU A 509 -18.01 -12.40 -2.02
C LEU A 509 -17.62 -11.62 -0.77
N ASP A 510 -17.70 -10.31 -0.87
CA ASP A 510 -17.38 -9.42 0.24
C ASP A 510 -18.68 -8.82 0.81
N LEU A 511 -18.99 -9.21 2.02
CA LEU A 511 -20.16 -8.76 2.69
C LEU A 511 -19.79 -8.03 3.96
N THR A 512 -18.60 -7.50 4.04
CA THR A 512 -18.13 -6.90 5.26
C THR A 512 -18.83 -5.62 5.57
N ASN A 513 -18.78 -5.25 6.84
CA ASN A 513 -19.32 -4.00 7.33
C ASN A 513 -20.77 -3.71 7.10
N ASN A 514 -21.60 -4.68 7.41
CA ASN A 514 -23.03 -4.59 7.26
C ASN A 514 -23.62 -5.05 8.56
N ARG A 515 -24.92 -5.24 8.66
CA ARG A 515 -25.48 -5.83 9.85
C ARG A 515 -26.37 -6.98 9.51
N LEU A 516 -25.82 -7.93 8.80
CA LEU A 516 -26.55 -9.09 8.36
C LEU A 516 -27.01 -9.93 9.51
N ASP A 517 -28.18 -10.53 9.32
CA ASP A 517 -28.82 -11.34 10.30
C ASP A 517 -28.82 -12.76 9.82
N PHE A 518 -27.91 -13.54 10.37
CA PHE A 518 -27.77 -14.92 10.02
C PHE A 518 -28.74 -15.78 10.77
N ASP A 519 -29.96 -15.77 10.28
CA ASP A 519 -31.00 -16.53 10.92
C ASP A 519 -31.69 -17.50 9.96
N ASN A 520 -30.91 -18.13 9.08
CA ASN A 520 -31.44 -19.10 8.11
C ASN A 520 -30.31 -19.95 7.50
N ALA A 521 -30.31 -21.21 7.90
CA ALA A 521 -29.33 -22.20 7.47
C ALA A 521 -29.08 -22.31 5.95
N SER A 522 -30.00 -21.82 5.13
CA SER A 522 -29.82 -21.91 3.69
C SER A 522 -29.09 -20.69 3.12
N ALA A 523 -28.66 -19.79 3.99
CA ALA A 523 -27.99 -18.57 3.55
C ALA A 523 -26.86 -18.80 2.56
N LEU A 524 -26.91 -18.12 1.42
CA LEU A 524 -25.84 -18.18 0.40
C LEU A 524 -25.56 -19.55 -0.28
N THR A 525 -26.34 -20.56 0.06
CA THR A 525 -26.12 -21.88 -0.54
C THR A 525 -26.32 -21.87 -2.04
N GLU A 526 -26.98 -20.86 -2.56
CA GLU A 526 -27.14 -20.81 -4.00
C GLU A 526 -25.84 -20.51 -4.72
N LEU A 527 -24.79 -20.14 -3.99
CA LEU A 527 -23.46 -19.85 -4.61
C LEU A 527 -22.56 -21.09 -4.49
N SER A 528 -22.91 -22.09 -5.26
CA SER A 528 -22.20 -23.37 -5.28
C SER A 528 -20.72 -23.26 -5.54
N ASP A 529 -20.28 -22.25 -6.28
CA ASP A 529 -18.84 -22.09 -6.59
C ASP A 529 -18.03 -21.24 -5.60
N LEU A 530 -18.68 -20.66 -4.61
CA LEU A 530 -18.01 -19.79 -3.68
C LEU A 530 -16.67 -20.33 -3.09
N GLU A 531 -15.60 -19.54 -3.18
CA GLU A 531 -14.30 -19.97 -2.63
C GLU A 531 -13.84 -19.07 -1.53
N VAL A 532 -14.20 -17.80 -1.60
CA VAL A 532 -13.84 -16.87 -0.56
C VAL A 532 -15.07 -16.06 -0.12
N LEU A 533 -15.33 -16.13 1.18
CA LEU A 533 -16.44 -15.43 1.80
C LEU A 533 -15.94 -14.60 2.95
N ASP A 534 -16.13 -13.30 2.86
CA ASP A 534 -15.72 -12.43 3.93
C ASP A 534 -16.97 -11.82 4.62
N LEU A 535 -17.24 -12.24 5.87
CA LEU A 535 -18.39 -11.74 6.67
C LEU A 535 -17.93 -10.86 7.84
N SER A 536 -16.72 -10.34 7.78
CA SER A 536 -16.22 -9.49 8.83
C SER A 536 -17.09 -8.30 9.13
N TYR A 537 -17.07 -7.88 10.39
CA TYR A 537 -17.80 -6.72 10.87
C TYR A 537 -19.29 -6.70 10.63
N ASN A 538 -19.93 -7.74 11.12
CA ASN A 538 -21.39 -7.91 11.09
C ASN A 538 -21.79 -8.32 12.50
N SER A 539 -21.21 -7.63 13.48
CA SER A 539 -21.47 -7.96 14.90
C SER A 539 -22.88 -7.64 15.40
N HIS A 540 -23.60 -6.73 14.78
CA HIS A 540 -24.77 -6.19 15.40
C HIS A 540 -25.80 -7.19 15.83
N TYR A 541 -26.18 -8.17 15.05
CA TYR A 541 -27.09 -9.19 15.55
C TYR A 541 -26.46 -10.26 16.38
N PHE A 542 -25.14 -10.43 16.27
CA PHE A 542 -24.47 -11.47 17.07
C PHE A 542 -24.42 -11.09 18.53
N ARG A 543 -24.35 -9.80 18.80
CA ARG A 543 -24.31 -9.30 20.15
C ARG A 543 -25.60 -9.44 20.99
N ILE A 544 -26.75 -9.29 20.34
CA ILE A 544 -28.08 -9.32 20.99
C ILE A 544 -28.62 -10.64 21.55
N ALA A 545 -28.87 -10.66 22.85
CA ALA A 545 -29.39 -11.89 23.46
C ALA A 545 -30.79 -12.21 22.93
N GLY A 546 -31.04 -13.50 22.68
CA GLY A 546 -32.37 -13.92 22.20
C GLY A 546 -32.47 -14.11 20.72
N VAL A 547 -31.68 -13.33 19.97
CA VAL A 547 -31.69 -13.49 18.54
C VAL A 547 -30.91 -14.75 18.24
N THR A 548 -31.44 -15.55 17.34
CA THR A 548 -30.84 -16.79 16.94
C THR A 548 -29.79 -16.64 15.82
N HIS A 549 -28.80 -17.51 15.85
CA HIS A 549 -27.71 -17.44 14.87
C HIS A 549 -27.42 -18.78 14.26
N HIS A 550 -27.53 -18.84 12.93
CA HIS A 550 -27.31 -20.05 12.19
C HIS A 550 -26.17 -19.95 11.17
N LEU A 551 -25.09 -20.68 11.44
CA LEU A 551 -23.93 -20.71 10.53
C LEU A 551 -23.76 -22.06 9.82
N GLU A 552 -24.84 -22.85 9.81
CA GLU A 552 -24.82 -24.16 9.21
C GLU A 552 -24.51 -24.15 7.72
N PHE A 553 -24.81 -23.03 7.05
CA PHE A 553 -24.57 -22.94 5.59
C PHE A 553 -23.13 -23.20 5.17
N ILE A 554 -22.21 -23.03 6.10
CA ILE A 554 -20.81 -23.22 5.84
C ILE A 554 -20.52 -24.58 5.20
N GLN A 555 -21.09 -25.63 5.76
CA GLN A 555 -20.87 -26.97 5.25
C GLN A 555 -21.41 -27.26 3.85
N ASN A 556 -22.40 -26.51 3.40
CA ASN A 556 -22.96 -26.75 2.07
C ASN A 556 -22.09 -26.43 0.89
N PHE A 557 -20.95 -25.80 1.09
CA PHE A 557 -20.11 -25.44 -0.05
C PHE A 557 -19.07 -26.51 -0.26
N THR A 558 -18.85 -26.90 -1.50
CA THR A 558 -17.88 -27.93 -1.79
C THR A 558 -16.54 -27.34 -2.12
N ASN A 559 -16.52 -26.10 -2.58
CA ASN A 559 -15.26 -25.51 -2.99
C ASN A 559 -14.88 -24.24 -2.18
N LEU A 560 -15.38 -24.12 -0.95
CA LEU A 560 -15.10 -22.95 -0.11
C LEU A 560 -13.73 -23.11 0.52
N LYS A 561 -12.85 -22.11 0.31
CA LYS A 561 -11.48 -22.20 0.84
C LYS A 561 -11.13 -21.28 2.01
N VAL A 562 -11.63 -20.05 1.95
CA VAL A 562 -11.35 -19.03 2.97
C VAL A 562 -12.61 -18.37 3.54
N LEU A 563 -12.72 -18.37 4.84
CA LEU A 563 -13.87 -17.79 5.49
C LEU A 563 -13.39 -16.86 6.59
N ASN A 564 -13.86 -15.62 6.55
CA ASN A 564 -13.48 -14.66 7.57
C ASN A 564 -14.74 -14.20 8.31
N LEU A 565 -14.80 -14.59 9.59
CA LEU A 565 -15.89 -14.23 10.52
C LEU A 565 -15.34 -13.28 11.59
N SER A 566 -14.30 -12.53 11.27
CA SER A 566 -13.71 -11.65 12.28
C SER A 566 -14.60 -10.47 12.67
N HIS A 567 -14.44 -10.04 13.92
CA HIS A 567 -15.14 -8.88 14.49
C HIS A 567 -16.68 -8.92 14.43
N ASN A 568 -17.21 -10.08 14.80
CA ASN A 568 -18.62 -10.38 14.87
C ASN A 568 -19.09 -10.68 16.30
N ASN A 569 -18.16 -10.67 17.24
CA ASN A 569 -18.47 -10.95 18.65
C ASN A 569 -19.32 -12.18 18.82
N ILE A 570 -19.05 -13.21 18.04
CA ILE A 570 -19.81 -14.44 18.17
C ILE A 570 -19.51 -15.05 19.52
N TYR A 571 -20.58 -15.31 20.30
CA TYR A 571 -20.45 -15.91 21.65
C TYR A 571 -21.44 -17.01 21.87
N THR A 572 -22.24 -17.33 20.87
CA THR A 572 -23.23 -18.39 20.96
C THR A 572 -23.80 -18.70 19.58
N LEU A 573 -24.20 -19.95 19.39
CA LEU A 573 -24.79 -20.39 18.12
C LEU A 573 -26.08 -21.13 18.44
N THR A 574 -26.98 -21.18 17.47
CA THR A 574 -28.24 -21.83 17.68
C THR A 574 -28.36 -23.18 16.99
N ASP A 575 -28.77 -24.18 17.78
CA ASP A 575 -28.99 -25.55 17.29
C ASP A 575 -27.75 -26.32 16.87
N LYS A 576 -27.01 -25.78 15.90
CA LYS A 576 -25.83 -26.44 15.39
C LYS A 576 -24.61 -25.66 15.92
N TYR A 577 -23.87 -26.29 16.82
CA TYR A 577 -22.73 -25.66 17.50
C TYR A 577 -21.33 -25.82 16.93
N ASN A 578 -21.18 -26.62 15.88
CA ASN A 578 -19.87 -26.85 15.29
C ASN A 578 -19.75 -26.39 13.86
N LEU A 579 -18.63 -25.78 13.52
CA LEU A 579 -18.38 -25.36 12.14
C LEU A 579 -17.81 -26.62 11.46
N GLU A 580 -18.24 -26.84 10.22
CA GLU A 580 -17.83 -28.00 9.47
C GLU A 580 -17.68 -27.74 8.00
N SER A 581 -16.57 -28.23 7.45
CA SER A 581 -16.29 -28.08 6.03
C SER A 581 -15.20 -29.06 5.62
N LYS A 582 -15.47 -29.78 4.55
CA LYS A 582 -14.52 -30.73 4.02
C LYS A 582 -13.51 -30.00 3.13
N SER A 583 -13.79 -28.73 2.80
CA SER A 583 -12.90 -27.95 1.92
C SER A 583 -12.21 -26.77 2.55
N LEU A 584 -12.88 -26.12 3.48
CA LEU A 584 -12.29 -24.96 4.08
C LEU A 584 -10.83 -25.19 4.50
N VAL A 585 -10.00 -24.25 4.08
CA VAL A 585 -8.56 -24.22 4.34
C VAL A 585 -8.14 -23.17 5.37
N GLU A 586 -8.78 -22.02 5.36
CA GLU A 586 -8.44 -20.93 6.28
C GLU A 586 -9.69 -20.35 6.96
N LEU A 587 -9.62 -20.21 8.28
CA LEU A 587 -10.70 -19.62 9.08
C LEU A 587 -10.14 -18.50 9.94
N VAL A 588 -10.59 -17.28 9.69
CA VAL A 588 -10.18 -16.14 10.49
C VAL A 588 -11.34 -15.94 11.52
N PHE A 589 -11.07 -16.16 12.80
CA PHE A 589 -12.09 -16.03 13.83
C PHE A 589 -11.72 -15.06 14.89
N SER A 590 -10.96 -14.04 14.52
CA SER A 590 -10.55 -13.08 15.49
C SER A 590 -11.65 -12.08 15.86
N GLY A 591 -11.58 -11.51 17.04
CA GLY A 591 -12.52 -10.50 17.41
C GLY A 591 -13.88 -11.02 17.74
N ASN A 592 -13.97 -12.31 17.99
CA ASN A 592 -15.18 -12.93 18.44
C ASN A 592 -15.08 -13.21 19.93
N ARG A 593 -15.86 -14.12 20.48
CA ARG A 593 -15.79 -14.39 21.90
C ARG A 593 -15.65 -15.85 22.28
N LEU A 594 -14.52 -16.44 21.98
CA LEU A 594 -14.24 -17.81 22.34
C LEU A 594 -14.18 -17.97 23.82
N ASP A 595 -13.86 -16.91 24.52
CA ASP A 595 -13.71 -17.00 25.95
C ASP A 595 -15.03 -17.43 26.49
N ILE A 596 -16.11 -16.90 25.94
CA ILE A 596 -17.45 -17.31 26.35
C ILE A 596 -17.85 -18.65 25.78
N LEU A 597 -17.58 -18.91 24.51
CA LEU A 597 -17.96 -20.20 23.91
C LEU A 597 -17.32 -21.37 24.62
N TRP A 598 -16.03 -21.26 24.89
CA TRP A 598 -15.30 -22.33 25.57
C TRP A 598 -15.20 -22.18 27.06
N ASN A 599 -14.66 -21.04 27.51
CA ASN A 599 -14.41 -20.78 28.96
C ASN A 599 -15.58 -21.01 29.89
N ASP A 600 -16.77 -21.19 29.31
CA ASP A 600 -17.95 -21.49 30.11
C ASP A 600 -18.71 -22.47 29.25
N ASP A 601 -19.68 -23.12 29.88
CA ASP A 601 -20.59 -23.95 29.15
C ASP A 601 -20.85 -25.38 29.64
N ASP A 602 -21.44 -26.14 28.73
CA ASP A 602 -21.66 -27.57 28.84
C ASP A 602 -20.75 -28.25 27.85
N ASN A 603 -19.67 -27.58 27.47
CA ASN A 603 -18.83 -28.10 26.44
C ASN A 603 -19.57 -28.13 25.14
N ARG A 604 -20.44 -27.16 24.95
CA ARG A 604 -21.20 -27.09 23.73
C ARG A 604 -20.28 -26.90 22.55
N TYR A 605 -19.29 -26.03 22.72
CA TYR A 605 -18.38 -25.67 21.63
C TYR A 605 -16.98 -26.21 21.88
N ILE A 606 -16.90 -27.40 22.45
CA ILE A 606 -15.61 -27.98 22.77
C ILE A 606 -14.93 -28.50 21.50
N SER A 607 -15.75 -28.85 20.52
CA SER A 607 -15.27 -29.36 19.24
C SER A 607 -15.75 -28.44 18.12
N ILE A 608 -15.76 -27.15 18.40
CA ILE A 608 -16.26 -26.19 17.43
C ILE A 608 -15.57 -26.17 16.06
N PHE A 609 -14.24 -26.29 16.04
CA PHE A 609 -13.52 -26.27 14.75
C PHE A 609 -13.10 -27.65 14.24
N LYS A 610 -13.26 -28.67 15.06
CA LYS A 610 -12.85 -30.02 14.68
C LYS A 610 -13.32 -30.47 13.29
N GLY A 611 -14.56 -30.15 12.94
CA GLY A 611 -15.15 -30.56 11.64
C GLY A 611 -14.62 -29.84 10.40
N LEU A 612 -13.58 -29.03 10.60
CA LEU A 612 -12.93 -28.30 9.54
C LEU A 612 -11.73 -29.19 9.19
N LYS A 613 -12.08 -30.34 8.62
CA LYS A 613 -11.14 -31.40 8.25
C LYS A 613 -9.97 -31.07 7.36
N ASN A 614 -10.06 -30.00 6.59
CA ASN A 614 -8.98 -29.66 5.67
C ASN A 614 -8.36 -28.33 6.03
N LEU A 615 -8.56 -27.88 7.26
CA LEU A 615 -8.06 -26.59 7.65
C LEU A 615 -6.58 -26.56 7.90
N THR A 616 -5.90 -25.56 7.38
CA THR A 616 -4.45 -25.40 7.61
C THR A 616 -4.08 -24.11 8.33
N ARG A 617 -4.92 -23.08 8.23
CA ARG A 617 -4.67 -21.80 8.94
C ARG A 617 -5.86 -21.44 9.84
N LEU A 618 -5.57 -21.00 11.06
CA LEU A 618 -6.62 -20.63 12.02
C LEU A 618 -6.20 -19.42 12.86
N ASP A 619 -6.98 -18.35 12.80
CA ASP A 619 -6.68 -17.15 13.59
C ASP A 619 -7.67 -17.01 14.74
N LEU A 620 -7.17 -17.14 15.96
CA LEU A 620 -7.99 -17.01 17.16
C LEU A 620 -7.59 -15.80 17.97
N SER A 621 -7.02 -14.80 17.33
CA SER A 621 -6.61 -13.62 18.07
C SER A 621 -7.81 -12.80 18.54
N LEU A 622 -7.56 -11.86 19.44
CA LEU A 622 -8.61 -11.00 19.97
C LEU A 622 -9.92 -11.72 20.37
N ASN A 623 -9.82 -12.78 21.13
CA ASN A 623 -11.00 -13.48 21.63
C ASN A 623 -11.07 -13.47 23.16
N ARG A 624 -10.24 -12.63 23.78
CA ARG A 624 -10.19 -12.48 25.22
C ARG A 624 -9.95 -13.81 25.94
N LEU A 625 -9.15 -14.67 25.37
CA LEU A 625 -8.87 -15.93 26.04
C LEU A 625 -7.88 -15.74 27.20
N LYS A 626 -8.29 -16.19 28.40
CA LYS A 626 -7.46 -16.14 29.61
C LYS A 626 -7.00 -17.58 29.87
N HIS A 627 -7.75 -18.53 29.36
CA HIS A 627 -7.45 -19.94 29.56
C HIS A 627 -8.14 -20.83 28.51
N ILE A 628 -7.40 -21.77 27.93
CA ILE A 628 -7.97 -22.65 26.93
C ILE A 628 -8.19 -24.04 27.47
N PRO A 629 -9.42 -24.52 27.43
CA PRO A 629 -9.56 -25.86 27.96
C PRO A 629 -8.70 -26.82 27.15
N ASN A 630 -8.00 -27.70 27.86
CA ASN A 630 -7.13 -28.66 27.21
C ASN A 630 -7.83 -29.47 26.13
N GLU A 631 -9.06 -29.90 26.38
CA GLU A 631 -9.75 -30.69 25.36
C GLU A 631 -10.21 -29.74 24.21
N ALA A 632 -10.30 -28.45 24.50
CA ALA A 632 -10.71 -27.49 23.49
C ALA A 632 -9.59 -27.41 22.47
N PHE A 633 -8.38 -27.29 22.98
CA PHE A 633 -7.19 -27.20 22.13
C PHE A 633 -6.97 -28.50 21.35
N LEU A 634 -7.12 -29.65 22.00
CA LEU A 634 -6.92 -30.94 21.31
C LEU A 634 -7.88 -31.17 20.20
N ASN A 635 -9.05 -30.53 20.27
CA ASN A 635 -10.05 -30.69 19.22
C ASN A 635 -9.88 -29.77 18.00
N LEU A 636 -8.86 -28.90 18.03
CA LEU A 636 -8.59 -28.03 16.89
C LEU A 636 -8.10 -29.01 15.83
N PRO A 637 -8.37 -28.73 14.56
CA PRO A 637 -7.95 -29.66 13.50
C PRO A 637 -6.47 -30.03 13.51
N ALA A 638 -6.21 -31.33 13.47
CA ALA A 638 -4.84 -31.85 13.47
C ALA A 638 -4.10 -31.43 12.20
N SER A 639 -4.88 -31.10 11.17
CA SER A 639 -4.36 -30.66 9.89
C SER A 639 -3.73 -29.28 9.92
N LEU A 640 -3.84 -28.56 11.03
CA LEU A 640 -3.26 -27.22 11.09
C LEU A 640 -1.76 -27.14 10.84
N THR A 641 -1.38 -26.11 10.11
CA THR A 641 0.01 -25.83 9.80
C THR A 641 0.32 -24.45 10.36
N GLU A 642 -0.72 -23.65 10.60
CA GLU A 642 -0.52 -22.31 11.12
C GLU A 642 -1.62 -21.96 12.12
N LEU A 643 -1.23 -21.52 13.31
CA LEU A 643 -2.18 -21.18 14.33
C LEU A 643 -1.82 -19.88 15.01
N HIS A 644 -2.75 -18.95 15.04
CA HIS A 644 -2.53 -17.69 15.68
C HIS A 644 -3.43 -17.57 16.85
N ILE A 645 -2.86 -17.21 17.97
CA ILE A 645 -3.62 -16.97 19.17
C ILE A 645 -3.18 -15.70 19.80
N ASN A 646 -2.65 -14.78 19.02
CA ASN A 646 -2.06 -13.59 19.58
C ASN A 646 -3.08 -12.68 20.15
N ASP A 647 -2.63 -11.77 20.99
CA ASP A 647 -3.46 -10.72 21.47
C ASP A 647 -4.67 -11.20 22.18
N ASN A 648 -4.46 -12.19 23.02
CA ASN A 648 -5.41 -12.62 23.97
C ASN A 648 -4.85 -12.26 25.30
N MET A 649 -5.21 -12.98 26.35
CA MET A 649 -4.62 -12.75 27.65
C MET A 649 -4.18 -14.01 28.37
N LEU A 650 -3.62 -14.94 27.65
CA LEU A 650 -3.22 -16.23 28.22
C LEU A 650 -1.99 -16.12 29.09
N LYS A 651 -2.00 -16.86 30.21
CA LYS A 651 -0.87 -16.90 31.16
C LYS A 651 -0.12 -18.23 31.14
N PHE A 652 -0.80 -19.27 30.72
CA PHE A 652 -0.20 -20.58 30.63
C PHE A 652 -0.59 -21.18 29.30
N PHE A 653 0.23 -22.09 28.80
CA PHE A 653 -0.03 -22.76 27.53
C PHE A 653 0.52 -24.18 27.70
N ASN A 654 -0.35 -25.17 27.61
CA ASN A 654 0.04 -26.57 27.78
C ASN A 654 0.72 -27.07 26.50
N TRP A 655 2.02 -26.80 26.42
CA TRP A 655 2.86 -27.18 25.28
C TRP A 655 2.75 -28.65 24.85
N THR A 656 2.55 -29.50 25.84
CA THR A 656 2.40 -30.91 25.62
C THR A 656 1.35 -31.18 24.56
N LEU A 657 0.37 -30.29 24.50
CA LEU A 657 -0.72 -30.45 23.56
C LEU A 657 -0.22 -30.38 22.13
N LEU A 658 0.93 -29.75 21.90
CA LEU A 658 1.49 -29.67 20.54
C LEU A 658 1.72 -31.04 19.94
N GLN A 659 1.76 -32.07 20.78
CA GLN A 659 1.98 -33.44 20.29
C GLN A 659 0.95 -33.91 19.30
N GLN A 660 -0.26 -33.38 19.35
CA GLN A 660 -1.30 -33.82 18.42
C GLN A 660 -1.32 -33.06 17.10
N PHE A 661 -0.38 -32.12 16.93
CA PHE A 661 -0.31 -31.31 15.70
C PHE A 661 0.98 -31.54 14.91
N PRO A 662 1.07 -32.70 14.24
CA PRO A 662 2.21 -33.14 13.45
C PRO A 662 2.62 -32.23 12.31
N ARG A 663 1.66 -31.53 11.69
CA ARG A 663 1.98 -30.62 10.57
C ARG A 663 2.09 -29.14 10.95
N LEU A 664 2.00 -28.84 12.24
CA LEU A 664 2.08 -27.46 12.70
C LEU A 664 3.43 -26.78 12.53
N GLU A 665 3.52 -25.87 11.57
CA GLU A 665 4.76 -25.12 11.32
C GLU A 665 4.83 -23.77 12.03
N LEU A 666 3.72 -23.05 12.11
CA LEU A 666 3.75 -21.73 12.74
C LEU A 666 2.82 -21.65 13.94
N LEU A 667 3.32 -21.12 15.03
CA LEU A 667 2.56 -20.96 16.24
C LEU A 667 2.79 -19.55 16.71
N ASP A 668 1.70 -18.79 16.81
CA ASP A 668 1.78 -17.41 17.19
C ASP A 668 1.07 -17.11 18.48
N LEU A 669 1.83 -16.58 19.43
CA LEU A 669 1.31 -16.25 20.74
C LEU A 669 1.71 -14.86 21.14
N ARG A 670 1.98 -13.98 20.19
CA ARG A 670 2.34 -12.64 20.62
C ARG A 670 1.18 -12.01 21.41
N GLY A 671 1.50 -10.94 22.12
CA GLY A 671 0.51 -10.19 22.88
C GLY A 671 -0.34 -10.90 23.91
N ASN A 672 0.28 -11.73 24.71
CA ASN A 672 -0.42 -12.38 25.79
C ASN A 672 0.26 -11.97 27.10
N LYS A 673 0.06 -12.75 28.14
CA LYS A 673 0.63 -12.51 29.45
C LYS A 673 1.44 -13.73 29.90
N LEU A 674 1.97 -14.49 28.94
CA LEU A 674 2.72 -15.73 29.26
C LEU A 674 3.87 -15.56 30.23
N LEU A 675 3.96 -16.53 31.13
CA LEU A 675 4.96 -16.53 32.19
C LEU A 675 6.13 -17.50 32.04
N PHE A 676 5.84 -18.76 31.74
CA PHE A 676 6.88 -19.74 31.63
C PHE A 676 6.91 -20.46 30.27
N LEU A 677 8.01 -21.13 30.00
CA LEU A 677 8.20 -21.92 28.77
C LEU A 677 8.45 -23.37 29.12
N THR A 678 8.11 -24.28 28.20
CA THR A 678 8.31 -25.71 28.44
C THR A 678 9.78 -26.01 28.44
N ASP A 679 10.18 -26.93 29.30
CA ASP A 679 11.58 -27.33 29.41
C ASP A 679 11.97 -28.34 28.33
N SER A 680 11.00 -29.11 27.87
CA SER A 680 11.23 -30.14 26.85
C SER A 680 10.35 -29.95 25.61
N LEU A 681 10.62 -28.91 24.85
CA LEU A 681 9.83 -28.60 23.67
C LEU A 681 9.83 -29.75 22.64
N SER A 682 10.98 -30.37 22.39
CA SER A 682 11.04 -31.44 21.39
C SER A 682 10.33 -32.73 21.72
N ASP A 683 9.85 -32.88 22.94
CA ASP A 683 9.14 -34.10 23.25
C ASP A 683 7.71 -33.90 22.75
N PHE A 684 7.43 -32.72 22.21
CA PHE A 684 6.07 -32.41 21.74
C PHE A 684 5.94 -32.06 20.25
N THR A 685 6.89 -31.34 19.69
CA THR A 685 6.81 -30.96 18.27
C THR A 685 8.02 -31.33 17.44
N SER A 686 7.78 -31.79 16.22
CA SER A 686 8.85 -32.18 15.33
C SER A 686 8.74 -31.34 14.05
N SER A 687 7.69 -30.50 13.97
CA SER A 687 7.43 -29.65 12.77
C SER A 687 7.47 -28.14 12.99
N LEU A 688 7.28 -27.68 14.22
CA LEU A 688 7.28 -26.26 14.48
C LEU A 688 8.54 -25.61 13.91
N ARG A 689 8.35 -24.60 13.06
CA ARG A 689 9.44 -23.86 12.42
C ARG A 689 9.49 -22.43 12.93
N THR A 690 8.32 -21.82 13.11
CA THR A 690 8.27 -20.42 13.57
C THR A 690 7.50 -20.31 14.86
N LEU A 691 8.06 -19.60 15.82
CA LEU A 691 7.42 -19.42 17.13
C LEU A 691 7.50 -17.94 17.54
N LEU A 692 6.34 -17.30 17.59
CA LEU A 692 6.27 -15.87 17.93
C LEU A 692 5.74 -15.66 19.35
N LEU A 693 6.61 -15.16 20.23
CA LEU A 693 6.25 -14.94 21.62
C LEU A 693 6.50 -13.52 22.06
N SER A 694 6.68 -12.59 21.12
CA SER A 694 6.90 -11.22 21.55
C SER A 694 5.69 -10.72 22.37
N HIS A 695 5.94 -9.74 23.23
CA HIS A 695 4.92 -9.17 24.11
C HIS A 695 4.28 -10.17 25.06
N ASN A 696 5.16 -10.78 25.83
CA ASN A 696 4.77 -11.72 26.83
C ASN A 696 5.49 -11.38 28.13
N ARG A 697 5.41 -12.27 29.12
CA ARG A 697 6.05 -12.04 30.41
C ARG A 697 7.05 -13.15 30.75
N ILE A 698 7.77 -13.59 29.74
CA ILE A 698 8.77 -14.61 29.91
C ILE A 698 9.97 -13.93 30.55
N SER A 699 10.42 -14.48 31.67
CA SER A 699 11.56 -13.89 32.38
C SER A 699 12.75 -14.79 32.42
N HIS A 700 12.53 -16.05 32.08
CA HIS A 700 13.59 -17.03 32.09
C HIS A 700 13.48 -17.97 30.91
N LEU A 701 14.56 -18.09 30.16
CA LEU A 701 14.58 -19.00 29.02
C LEU A 701 15.27 -20.23 29.58
N PRO A 702 14.60 -21.39 29.55
CA PRO A 702 15.23 -22.60 30.12
C PRO A 702 16.24 -23.30 29.22
N SER A 703 16.87 -24.34 29.79
CA SER A 703 17.86 -25.14 29.09
C SER A 703 17.25 -25.55 27.75
N GLY A 704 18.03 -25.47 26.69
CA GLY A 704 17.53 -25.80 25.36
C GLY A 704 17.34 -24.49 24.61
N PHE A 705 16.63 -24.53 23.48
CA PHE A 705 16.03 -25.73 22.96
C PHE A 705 16.78 -26.10 21.66
N LEU A 706 17.25 -27.33 21.49
CA LEU A 706 17.14 -28.43 22.45
C LEU A 706 18.40 -29.29 22.39
N SER A 710 15.41 -30.14 16.44
CA SER A 710 14.66 -28.91 16.22
C SER A 710 14.58 -28.44 14.76
N SER A 711 13.34 -28.24 14.34
CA SER A 711 12.99 -27.75 13.00
C SER A 711 12.74 -26.25 13.12
N LEU A 712 12.97 -25.75 14.32
CA LEU A 712 12.72 -24.39 14.66
C LEU A 712 13.69 -23.40 14.03
N LYS A 713 13.22 -22.71 12.99
CA LYS A 713 14.03 -21.74 12.29
C LYS A 713 13.83 -20.30 12.74
N HIS A 714 12.68 -19.99 13.32
CA HIS A 714 12.43 -18.61 13.75
C HIS A 714 11.88 -18.57 15.18
N LEU A 715 12.46 -17.72 16.01
CA LEU A 715 12.05 -17.59 17.42
C LEU A 715 12.00 -16.13 17.80
N ASP A 716 10.84 -15.66 18.22
CA ASP A 716 10.68 -14.27 18.59
C ASP A 716 10.41 -14.12 20.07
N LEU A 717 11.38 -13.56 20.79
CA LEU A 717 11.28 -13.35 22.24
C LEU A 717 11.46 -11.89 22.57
N SER A 718 11.19 -11.06 21.58
CA SER A 718 11.29 -9.63 21.77
C SER A 718 10.19 -9.14 22.73
N SER A 719 10.40 -7.99 23.33
CA SER A 719 9.46 -7.42 24.26
C SER A 719 8.91 -8.34 25.35
N ASN A 720 9.79 -9.10 26.01
CA ASN A 720 9.39 -9.91 27.13
C ASN A 720 10.10 -9.34 28.36
N LEU A 721 10.31 -10.18 29.37
CA LEU A 721 10.99 -9.77 30.58
C LEU A 721 12.27 -10.57 30.86
N LEU A 722 13.16 -10.62 29.88
CA LEU A 722 14.42 -11.35 30.04
C LEU A 722 15.53 -10.42 30.52
N LYS A 723 15.99 -10.71 31.75
CA LYS A 723 17.06 -9.95 32.41
C LYS A 723 18.40 -10.32 31.76
N THR A 724 18.53 -11.59 31.38
CA THR A 724 19.72 -12.07 30.74
C THR A 724 19.44 -13.46 30.20
N ILE A 725 20.27 -13.92 29.27
CA ILE A 725 20.07 -15.25 28.72
C ILE A 725 21.16 -16.19 29.15
N ASN A 726 20.77 -17.22 29.89
CA ASN A 726 21.67 -18.27 30.33
C ASN A 726 22.08 -19.06 29.12
N LYS A 727 23.14 -19.85 29.23
CA LYS A 727 23.93 -20.21 28.08
C LYS A 727 23.20 -20.95 26.96
N SER A 728 22.46 -22.01 27.28
CA SER A 728 21.49 -22.56 26.34
C SER A 728 22.00 -22.73 24.92
N ALA A 729 23.13 -23.40 24.74
CA ALA A 729 23.70 -23.62 23.40
C ALA A 729 22.85 -24.53 22.52
N LEU A 730 22.81 -24.25 21.22
CA LEU A 730 22.10 -25.11 20.29
C LEU A 730 20.76 -25.58 20.86
N LYS A 737 20.69 -24.58 13.97
CA LYS A 737 19.67 -24.68 12.93
C LYS A 737 18.61 -23.56 12.82
N LEU A 738 18.81 -22.43 13.50
CA LEU A 738 17.84 -21.34 13.40
C LEU A 738 18.38 -20.05 12.75
N SER A 739 17.65 -19.58 11.73
CA SER A 739 17.99 -18.39 10.96
C SER A 739 17.69 -17.04 11.62
N MET A 740 16.82 -17.01 12.63
CA MET A 740 16.46 -15.73 13.25
C MET A 740 16.06 -15.84 14.71
N LEU A 741 16.36 -14.79 15.47
CA LEU A 741 16.07 -14.73 16.89
C LEU A 741 15.80 -13.28 17.21
N GLU A 742 14.59 -12.96 17.67
CA GLU A 742 14.26 -11.59 17.97
C GLU A 742 14.35 -11.36 19.46
N LEU A 743 15.05 -10.29 19.85
CA LEU A 743 15.26 -9.99 21.27
C LEU A 743 15.06 -8.54 21.73
N HIS A 744 14.89 -7.59 20.83
CA HIS A 744 14.72 -6.20 21.27
C HIS A 744 13.58 -6.12 22.26
N GLY A 745 13.64 -5.15 23.15
CA GLY A 745 12.57 -4.98 24.11
C GLY A 745 12.65 -5.71 25.42
N ASN A 746 13.67 -6.54 25.62
CA ASN A 746 13.74 -7.19 26.91
C ASN A 746 14.61 -6.32 27.79
N PRO A 747 14.36 -6.37 29.11
CA PRO A 747 15.11 -5.60 30.06
C PRO A 747 16.39 -6.37 30.50
N PHE A 748 17.38 -6.40 29.63
CA PHE A 748 18.63 -7.11 29.90
C PHE A 748 19.49 -6.51 31.02
N GLU A 749 19.98 -7.39 31.90
CA GLU A 749 20.84 -7.00 33.02
C GLU A 749 22.32 -7.10 32.55
N CYS A 750 22.91 -5.93 32.25
CA CYS A 750 24.27 -5.84 31.75
C CYS A 750 25.43 -5.94 32.76
N THR A 751 25.43 -7.03 33.53
CA THR A 751 26.48 -7.30 34.47
C THR A 751 27.34 -8.25 33.64
N CYS A 752 28.42 -8.77 34.21
CA CYS A 752 29.28 -9.68 33.45
C CYS A 752 28.57 -10.96 32.99
N ASP A 753 27.35 -11.20 33.49
CA ASP A 753 26.54 -12.37 33.13
C ASP A 753 26.09 -12.29 31.68
N ILE A 754 26.20 -11.10 31.10
CA ILE A 754 25.80 -10.88 29.72
C ILE A 754 26.93 -11.38 28.82
N GLY A 755 27.80 -12.22 29.38
CA GLY A 755 28.94 -12.75 28.65
C GLY A 755 28.63 -14.00 27.87
N ASP A 756 27.99 -14.99 28.51
CA ASP A 756 27.65 -16.26 27.84
C ASP A 756 26.91 -15.94 26.56
N PHE A 757 25.88 -15.12 26.69
CA PHE A 757 25.09 -14.73 25.56
C PHE A 757 25.93 -13.89 24.61
N ARG A 758 26.53 -12.83 25.10
CA ARG A 758 27.36 -11.97 24.28
C ARG A 758 28.29 -12.85 23.44
N ARG A 759 28.79 -13.90 24.08
CA ARG A 759 29.63 -14.86 23.43
C ARG A 759 28.86 -15.44 22.25
N TRP A 760 27.77 -16.12 22.59
CA TRP A 760 26.87 -16.77 21.65
C TRP A 760 26.73 -16.08 20.31
N MET A 761 26.49 -14.77 20.36
CA MET A 761 26.24 -13.99 19.13
C MET A 761 27.50 -13.91 18.31
N ASP A 762 28.61 -13.58 18.98
CA ASP A 762 29.90 -13.43 18.35
C ASP A 762 30.17 -14.69 17.51
N GLU A 763 29.96 -15.86 18.10
CA GLU A 763 30.15 -17.12 17.40
C GLU A 763 29.18 -17.34 16.23
N HIS A 764 27.90 -17.04 16.43
CA HIS A 764 26.90 -17.25 15.40
C HIS A 764 26.42 -16.01 14.65
N LEU A 765 27.18 -15.56 13.63
CA LEU A 765 26.73 -14.40 12.83
C LEU A 765 25.77 -14.95 11.75
N ASN A 766 25.56 -16.26 11.83
CA ASN A 766 24.67 -17.01 10.93
C ASN A 766 23.18 -16.90 11.34
N VAL A 767 22.92 -16.36 12.53
CA VAL A 767 21.57 -16.20 13.04
C VAL A 767 21.24 -14.70 13.10
N LYS A 768 20.40 -14.23 12.19
CA LYS A 768 20.03 -12.83 12.16
C LYS A 768 19.38 -12.40 13.47
N ILE A 769 19.72 -11.21 13.93
CA ILE A 769 19.14 -10.64 15.14
C ILE A 769 18.72 -9.25 14.73
N PRO A 770 17.58 -9.16 14.06
CA PRO A 770 17.18 -7.83 13.65
C PRO A 770 17.10 -6.86 14.80
N ARG A 771 17.51 -5.64 14.54
CA ARG A 771 17.48 -4.60 15.53
C ARG A 771 18.39 -4.83 16.75
N LEU A 772 19.67 -5.11 16.50
CA LEU A 772 20.64 -5.27 17.61
C LEU A 772 20.73 -3.95 18.29
N VAL A 773 20.53 -2.90 17.50
CA VAL A 773 20.56 -1.55 17.98
C VAL A 773 19.53 -1.37 19.10
N ASP A 774 18.37 -1.99 18.95
CA ASP A 774 17.30 -1.90 19.97
C ASP A 774 17.43 -2.88 21.14
N VAL A 775 18.30 -3.88 21.02
CA VAL A 775 18.52 -4.83 22.13
C VAL A 775 19.33 -3.98 23.13
N ILE A 776 18.71 -3.66 24.26
CA ILE A 776 19.31 -2.76 25.24
C ILE A 776 19.43 -3.22 26.69
N CYS A 777 20.34 -2.55 27.40
CA CYS A 777 20.60 -2.80 28.81
C CYS A 777 19.61 -2.09 29.68
N ALA A 778 18.92 -2.86 30.51
CA ALA A 778 17.94 -2.33 31.43
C ALA A 778 18.68 -1.87 32.67
N SER A 779 19.68 -2.65 33.06
CA SER A 779 20.49 -2.36 34.23
C SER A 779 21.91 -2.92 34.03
N PRO A 780 22.87 -2.43 34.82
CA PRO A 780 22.61 -1.44 35.87
C PRO A 780 22.76 0.03 35.42
N GLY A 781 22.58 0.99 36.32
CA GLY A 781 22.34 2.34 35.88
C GLY A 781 23.38 2.96 34.98
N ASP A 782 24.65 2.74 35.24
CA ASP A 782 25.64 3.28 34.34
C ASP A 782 25.39 2.60 33.01
N GLN A 783 25.08 1.32 33.08
CA GLN A 783 24.79 0.51 31.92
C GLN A 783 23.54 0.90 31.15
N ARG A 784 22.50 1.32 31.84
CA ARG A 784 21.19 1.41 31.22
C ARG A 784 21.22 2.30 30.01
N GLY A 785 20.49 1.85 28.99
CA GLY A 785 20.36 2.54 27.73
C GLY A 785 21.39 2.18 26.69
N LYS A 786 22.30 1.30 27.04
CA LYS A 786 23.38 0.99 26.13
C LYS A 786 23.13 -0.34 25.45
N SER A 787 23.29 -0.37 24.14
CA SER A 787 23.06 -1.59 23.41
C SER A 787 24.01 -2.66 23.88
N ILE A 788 23.52 -3.87 24.04
CA ILE A 788 24.34 -4.94 24.65
C ILE A 788 25.57 -5.33 23.88
N VAL A 789 25.85 -4.62 22.80
CA VAL A 789 27.04 -4.87 22.00
C VAL A 789 27.99 -3.67 22.10
N SER A 790 27.41 -2.52 22.37
CA SER A 790 28.20 -1.32 22.56
C SER A 790 29.08 -1.49 23.79
N LEU A 791 28.77 -2.50 24.60
CA LEU A 791 29.35 -2.60 25.92
C LEU A 791 30.86 -2.64 25.91
N GLU A 792 31.44 -1.85 26.80
CA GLU A 792 32.87 -1.83 27.04
C GLU A 792 33.12 -2.96 27.98
N LEU A 793 33.08 -4.16 27.45
CA LEU A 793 33.14 -5.34 28.29
C LEU A 793 34.45 -5.40 29.05
N THR A 794 35.50 -4.95 28.41
CA THR A 794 36.87 -5.23 28.90
C THR A 794 37.02 -5.03 30.42
N THR A 795 36.42 -3.96 30.94
CA THR A 795 36.47 -3.63 32.38
C THR A 795 35.95 -4.80 33.23
N CYS A 796 35.54 -5.86 32.56
CA CYS A 796 35.00 -7.04 33.22
C CYS A 796 36.09 -8.00 33.72
N VAL A 797 37.24 -8.04 33.02
CA VAL A 797 38.38 -8.94 33.39
C VAL A 797 37.91 -10.30 33.91
#